data_2UYY
#
_entry.id   2UYY
#
_cell.length_a   134.180
_cell.length_b   134.180
_cell.length_c   261.463
_cell.angle_alpha   90.00
_cell.angle_beta   90.00
_cell.angle_gamma   120.00
#
_symmetry.space_group_name_H-M   'H 3'
#
loop_
_entity.id
_entity.type
_entity.pdbx_description
1 polymer 'N-PAC PROTEIN'
2 non-polymer 'POTASSIUM ION'
3 non-polymer '[(2R,3R,4R,5R)-5-(6-AMINO-9H-PURIN-9-YL)-3-HYDROXY-4-(PHOSPHONOOXY)TETRAHYDROFURAN-2-YL]METHYL [(2R,3S,4S)-3,4-DIHYDROXYTETRAHYDROFURAN-2-YL]METHYL DIHYDROGEN DIPHOSPHATE'
4 water water
#
_entity_poly.entity_id   1
_entity_poly.type   'polypeptide(L)'
_entity_poly.pdbx_seq_one_letter_code
;MHHHHHHSSGVDLGTENLYFQSMGSITPTDKKIGFLGLGLMGSGIVSNLLKMGHTVTVWNRTAEKCDLFIQEGARLGRTP
AEVVSTCDITFACVSDPKAAKDLVLGPSGVLQGIRPGKCYVDMSTVDADTVTELAQVIVSRGGRFLEAPVSGNQQLSNDG
MLVILAAGDRGLYEDCSSCFQAMGKTSFFLGEVGNAAKMMLIVNMVQGSFMATIAEGLTLAQVTGQSQQTLLDILNQGQL
ASIFLDQKCQNILQGNFKPDFYLKYIQKDLRLAIALGDAVNHPTPMAAAANEVYKRAKALDQSDNDMSAVYRAYIH
;
_entity_poly.pdbx_strand_id   A,B,C,D
#
# COMPACT_ATOMS: atom_id res chain seq x y z
N SER A 25 -43.63 -21.58 4.82
CA SER A 25 -43.67 -22.20 6.18
C SER A 25 -43.24 -23.69 6.16
N ILE A 26 -41.95 -23.93 6.38
CA ILE A 26 -41.41 -25.29 6.47
C ILE A 26 -41.57 -25.83 7.89
N THR A 27 -41.81 -27.13 8.00
CA THR A 27 -41.97 -27.83 9.27
C THR A 27 -40.62 -28.01 9.94
N PRO A 28 -40.51 -27.69 11.23
CA PRO A 28 -39.22 -27.84 11.92
C PRO A 28 -38.81 -29.28 12.18
N THR A 29 -37.49 -29.53 12.12
CA THR A 29 -36.94 -30.87 12.34
C THR A 29 -37.25 -31.40 13.73
N ASP A 30 -37.40 -32.73 13.86
CA ASP A 30 -37.55 -33.43 15.16
C ASP A 30 -36.33 -33.30 16.04
N LYS A 31 -35.19 -33.14 15.39
CA LYS A 31 -33.90 -33.27 16.02
C LYS A 31 -33.71 -32.23 17.09
N LYS A 32 -33.12 -32.65 18.21
CA LYS A 32 -32.78 -31.77 19.29
C LYS A 32 -31.58 -30.93 18.85
N ILE A 33 -31.74 -29.60 18.84
CA ILE A 33 -30.69 -28.69 18.37
C ILE A 33 -30.01 -28.02 19.55
N GLY A 34 -28.67 -28.01 19.50
CA GLY A 34 -27.85 -27.29 20.47
C GLY A 34 -27.24 -26.06 19.83
N PHE A 35 -27.00 -25.03 20.64
CA PHE A 35 -26.36 -23.82 20.15
C PHE A 35 -25.34 -23.26 21.15
N LEU A 36 -24.10 -23.10 20.69
CA LEU A 36 -23.03 -22.62 21.49
C LEU A 36 -22.60 -21.22 20.99
N GLY A 37 -22.61 -20.23 21.88
CA GLY A 37 -22.14 -18.89 21.54
C GLY A 37 -23.29 -17.98 21.19
N LEU A 38 -23.74 -17.19 22.16
CA LEU A 38 -24.89 -16.32 21.95
C LEU A 38 -24.42 -14.87 21.76
N GLY A 39 -23.52 -14.67 20.80
CA GLY A 39 -22.97 -13.36 20.51
C GLY A 39 -23.86 -12.52 19.61
N LEU A 40 -23.21 -11.62 18.88
CA LEU A 40 -23.91 -10.70 18.00
C LEU A 40 -24.72 -11.48 16.96
N MET A 41 -24.10 -12.50 16.33
CA MET A 41 -24.79 -13.33 15.34
C MET A 41 -25.62 -14.44 15.97
N GLY A 42 -25.02 -15.14 16.94
CA GLY A 42 -25.66 -16.34 17.49
C GLY A 42 -27.02 -16.03 18.11
N SER A 43 -27.08 -14.89 18.78
CA SER A 43 -28.28 -14.49 19.46
C SER A 43 -29.50 -14.45 18.52
N GLY A 44 -29.33 -13.83 17.35
CA GLY A 44 -30.43 -13.73 16.39
C GLY A 44 -30.80 -15.06 15.78
N ILE A 45 -29.79 -15.86 15.49
CA ILE A 45 -29.99 -17.19 14.96
C ILE A 45 -30.89 -17.98 15.91
N VAL A 46 -30.51 -17.99 17.19
CA VAL A 46 -31.24 -18.77 18.17
C VAL A 46 -32.69 -18.29 18.29
N SER A 47 -32.88 -16.98 18.37
CA SER A 47 -34.23 -16.44 18.43
C SER A 47 -35.08 -16.91 17.26
N ASN A 48 -34.53 -16.91 16.05
CA ASN A 48 -35.29 -17.37 14.89
C ASN A 48 -35.50 -18.88 14.91
N LEU A 49 -34.52 -19.63 15.41
CA LEU A 49 -34.70 -21.07 15.53
C LEU A 49 -35.89 -21.38 16.44
N LEU A 50 -35.96 -20.68 17.57
CA LEU A 50 -37.06 -20.83 18.50
C LEU A 50 -38.39 -20.36 17.91
N LYS A 51 -38.40 -19.20 17.24
CA LYS A 51 -39.61 -18.70 16.58
C LYS A 51 -40.21 -19.73 15.67
N MET A 52 -39.36 -20.43 14.93
CA MET A 52 -39.84 -21.39 13.93
C MET A 52 -40.06 -22.76 14.48
N GLY A 53 -40.04 -22.90 15.80
CA GLY A 53 -40.51 -24.11 16.47
C GLY A 53 -39.51 -25.20 16.75
N HIS A 54 -38.21 -24.87 16.78
CA HIS A 54 -37.18 -25.88 17.10
C HIS A 54 -37.00 -26.05 18.59
N THR A 55 -36.60 -27.26 19.00
CA THR A 55 -36.18 -27.50 20.37
C THR A 55 -34.70 -27.19 20.44
N VAL A 56 -34.32 -26.25 21.30
CA VAL A 56 -32.97 -25.72 21.33
C VAL A 56 -32.38 -25.69 22.74
N THR A 57 -31.16 -26.18 22.87
CA THR A 57 -30.41 -26.03 24.11
C THR A 57 -29.27 -25.06 23.89
N VAL A 58 -29.18 -24.02 24.72
CA VAL A 58 -28.19 -22.96 24.49
C VAL A 58 -27.13 -23.01 25.55
N TRP A 59 -25.95 -22.50 25.19
CA TRP A 59 -24.86 -22.36 26.14
C TRP A 59 -24.02 -21.19 25.70
N ASN A 60 -23.47 -20.48 26.68
CA ASN A 60 -22.59 -19.37 26.42
C ASN A 60 -21.56 -19.30 27.52
N ARG A 61 -20.32 -18.95 27.20
CA ARG A 61 -19.30 -18.86 28.22
C ARG A 61 -19.74 -17.96 29.37
N THR A 62 -20.37 -16.83 29.09
CA THR A 62 -21.07 -16.03 30.12
C THR A 62 -22.51 -16.49 30.24
N ALA A 63 -22.85 -17.02 31.41
CA ALA A 63 -24.14 -17.63 31.66
C ALA A 63 -25.33 -16.66 31.46
N GLU A 64 -25.12 -15.40 31.82
CA GLU A 64 -26.19 -14.41 31.85
C GLU A 64 -26.84 -14.15 30.50
N LYS A 65 -26.06 -14.27 29.41
CA LYS A 65 -26.59 -14.03 28.07
C LYS A 65 -27.68 -15.04 27.65
N CYS A 66 -27.75 -16.17 28.35
CA CYS A 66 -28.77 -17.19 28.07
C CYS A 66 -30.16 -16.88 28.60
N ASP A 67 -30.27 -15.95 29.53
CA ASP A 67 -31.54 -15.73 30.23
C ASP A 67 -32.71 -15.36 29.32
N LEU A 68 -32.50 -14.47 28.36
CA LEU A 68 -33.59 -14.15 27.45
C LEU A 68 -34.13 -15.41 26.76
N PHE A 69 -33.26 -16.37 26.48
CA PHE A 69 -33.64 -17.50 25.65
C PHE A 69 -34.46 -18.54 26.38
N ILE A 70 -34.31 -18.61 27.69
CA ILE A 70 -35.18 -19.46 28.49
C ILE A 70 -36.60 -18.90 28.43
N GLN A 71 -36.78 -17.59 28.48
CA GLN A 71 -38.10 -16.97 28.26
C GLN A 71 -38.64 -17.39 26.91
N GLU A 72 -37.82 -17.26 25.86
CA GLU A 72 -38.26 -17.61 24.54
C GLU A 72 -38.31 -19.14 24.31
N GLY A 73 -38.08 -19.97 25.35
CA GLY A 73 -38.32 -21.41 25.29
C GLY A 73 -37.12 -22.36 25.16
N ALA A 74 -35.90 -21.86 25.29
CA ALA A 74 -34.70 -22.71 25.15
C ALA A 74 -34.39 -23.42 26.46
N ARG A 75 -33.74 -24.57 26.36
CA ARG A 75 -33.18 -25.28 27.52
C ARG A 75 -31.78 -24.73 27.78
N LEU A 76 -31.37 -24.65 29.04
CA LEU A 76 -30.07 -24.13 29.41
C LEU A 76 -29.10 -25.30 29.54
N GLY A 77 -28.05 -25.31 28.73
CA GLY A 77 -27.01 -26.34 28.80
C GLY A 77 -25.91 -25.88 29.75
N ARG A 78 -25.26 -26.84 30.41
CA ARG A 78 -24.25 -26.54 31.42
C ARG A 78 -22.87 -26.39 30.84
N THR A 79 -22.54 -27.25 29.89
CA THR A 79 -21.26 -27.20 29.21
C THR A 79 -21.45 -27.53 27.72
N PRO A 80 -20.48 -27.14 26.89
CA PRO A 80 -20.54 -27.56 25.51
C PRO A 80 -20.59 -29.07 25.37
N ALA A 81 -19.76 -29.79 26.13
CA ALA A 81 -19.76 -31.26 26.06
C ALA A 81 -21.16 -31.79 26.28
N GLU A 82 -21.81 -31.26 27.31
CA GLU A 82 -23.12 -31.78 27.67
C GLU A 82 -24.21 -31.41 26.65
N VAL A 83 -24.09 -30.23 26.05
CA VAL A 83 -25.03 -29.83 25.03
C VAL A 83 -24.90 -30.79 23.83
N VAL A 84 -23.66 -31.04 23.40
CA VAL A 84 -23.41 -31.96 22.31
C VAL A 84 -23.92 -33.36 22.65
N SER A 85 -23.68 -33.78 23.89
CA SER A 85 -24.12 -35.12 24.31
C SER A 85 -25.64 -35.23 24.27
N THR A 86 -26.33 -34.17 24.68
CA THR A 86 -27.78 -34.14 24.69
C THR A 86 -28.43 -34.02 23.32
N CYS A 87 -27.78 -33.32 22.40
CA CYS A 87 -28.40 -32.93 21.12
C CYS A 87 -27.94 -33.72 19.91
N ASP A 88 -28.71 -33.63 18.83
CA ASP A 88 -28.42 -34.35 17.60
C ASP A 88 -27.54 -33.53 16.69
N ILE A 89 -27.88 -32.25 16.57
CA ILE A 89 -27.06 -31.28 15.82
C ILE A 89 -26.72 -30.10 16.72
N THR A 90 -25.44 -29.78 16.84
CA THR A 90 -25.02 -28.65 17.63
C THR A 90 -24.33 -27.60 16.75
N PHE A 91 -24.87 -26.38 16.77
CA PHE A 91 -24.28 -25.24 16.06
C PHE A 91 -23.37 -24.48 17.02
N ALA A 92 -22.27 -23.94 16.51
CA ALA A 92 -21.38 -23.07 17.29
C ALA A 92 -21.06 -21.84 16.49
N CYS A 93 -21.08 -20.70 17.18
CA CYS A 93 -20.85 -19.43 16.53
C CYS A 93 -20.02 -18.54 17.45
N VAL A 94 -18.69 -18.70 17.35
CA VAL A 94 -17.77 -17.92 18.17
C VAL A 94 -16.86 -17.03 17.30
N SER A 95 -16.02 -16.23 17.94
CA SER A 95 -15.34 -15.11 17.28
C SER A 95 -14.18 -15.46 16.37
N ASP A 96 -13.21 -16.17 16.92
CA ASP A 96 -11.88 -16.35 16.35
C ASP A 96 -11.65 -17.80 15.99
N PRO A 97 -10.63 -18.07 15.16
CA PRO A 97 -10.02 -19.40 15.19
C PRO A 97 -9.60 -19.87 16.61
N LYS A 98 -8.91 -19.03 17.36
CA LYS A 98 -8.54 -19.35 18.75
C LYS A 98 -9.76 -19.78 19.60
N ALA A 99 -10.86 -19.04 19.50
CA ALA A 99 -12.08 -19.40 20.22
C ALA A 99 -12.75 -20.69 19.71
N ALA A 100 -12.80 -20.84 18.39
CA ALA A 100 -13.36 -22.06 17.80
C ALA A 100 -12.58 -23.27 18.29
N LYS A 101 -11.25 -23.19 18.24
CA LYS A 101 -10.41 -24.30 18.66
C LYS A 101 -10.57 -24.60 20.13
N ASP A 102 -10.60 -23.57 20.96
CA ASP A 102 -10.78 -23.75 22.40
C ASP A 102 -12.17 -24.33 22.76
N LEU A 103 -13.19 -23.86 22.07
CA LEU A 103 -14.53 -24.39 22.28
C LEU A 103 -14.57 -25.90 22.03
N VAL A 104 -13.81 -26.38 21.05
CA VAL A 104 -13.82 -27.80 20.71
C VAL A 104 -12.86 -28.61 21.56
N LEU A 105 -11.65 -28.12 21.76
CA LEU A 105 -10.57 -28.91 22.41
C LEU A 105 -10.39 -28.66 23.88
N GLY A 106 -10.98 -27.60 24.42
CA GLY A 106 -10.79 -27.25 25.83
C GLY A 106 -11.53 -28.19 26.77
N PRO A 107 -11.41 -27.95 28.09
CA PRO A 107 -12.07 -28.82 29.06
C PRO A 107 -13.57 -28.66 28.99
N SER A 108 -14.29 -29.77 29.11
CA SER A 108 -15.72 -29.86 28.84
C SER A 108 -16.15 -29.32 27.46
N GLY A 109 -15.23 -29.36 26.50
CA GLY A 109 -15.47 -28.85 25.16
C GLY A 109 -16.31 -29.77 24.29
N VAL A 110 -16.54 -29.34 23.06
CA VAL A 110 -17.34 -30.09 22.13
C VAL A 110 -16.80 -31.50 21.93
N LEU A 111 -15.48 -31.65 21.82
CA LEU A 111 -14.90 -32.94 21.53
C LEU A 111 -15.25 -33.98 22.58
N GLN A 112 -15.25 -33.57 23.84
CA GLN A 112 -15.59 -34.46 24.95
C GLN A 112 -17.02 -34.97 24.89
N GLY A 113 -17.88 -34.35 24.12
CA GLY A 113 -19.26 -34.82 24.00
C GLY A 113 -19.57 -35.61 22.73
N ILE A 114 -18.64 -35.63 21.79
CA ILE A 114 -18.88 -36.28 20.51
C ILE A 114 -18.83 -37.80 20.69
N ARG A 115 -19.78 -38.48 20.07
CA ARG A 115 -19.74 -39.92 19.90
C ARG A 115 -20.38 -40.25 18.55
N PRO A 116 -20.19 -41.50 18.07
CA PRO A 116 -20.68 -41.84 16.74
C PRO A 116 -22.05 -41.28 16.46
N GLY A 117 -22.18 -40.58 15.34
CA GLY A 117 -23.45 -40.06 14.90
C GLY A 117 -23.66 -38.58 15.15
N LYS A 118 -23.09 -38.07 16.24
CA LYS A 118 -23.30 -36.67 16.66
C LYS A 118 -22.83 -35.70 15.59
N CYS A 119 -23.47 -34.54 15.51
CA CYS A 119 -23.20 -33.59 14.46
C CYS A 119 -22.85 -32.24 14.97
N TYR A 120 -21.83 -31.65 14.38
CA TYR A 120 -21.36 -30.32 14.75
C TYR A 120 -21.36 -29.45 13.53
N VAL A 121 -21.94 -28.26 13.66
CA VAL A 121 -21.93 -27.29 12.59
C VAL A 121 -21.23 -26.02 13.08
N ASP A 122 -20.01 -25.75 12.59
CA ASP A 122 -19.28 -24.55 13.05
C ASP A 122 -19.59 -23.36 12.15
N MET A 123 -20.24 -22.35 12.71
CA MET A 123 -20.64 -21.13 12.01
C MET A 123 -19.70 -19.94 12.22
N SER A 124 -18.60 -20.16 12.91
CA SER A 124 -17.60 -19.09 13.14
C SER A 124 -16.85 -18.86 11.84
N THR A 125 -16.35 -17.65 11.63
CA THR A 125 -15.50 -17.36 10.46
C THR A 125 -14.04 -17.57 10.84
N VAL A 126 -13.46 -18.63 10.31
CA VAL A 126 -12.08 -18.99 10.62
C VAL A 126 -11.39 -19.31 9.31
N ASP A 127 -10.09 -19.58 9.36
CA ASP A 127 -9.33 -19.98 8.18
C ASP A 127 -9.57 -21.46 7.86
N ALA A 128 -9.24 -21.85 6.64
CA ALA A 128 -9.47 -23.24 6.19
C ALA A 128 -8.67 -24.28 6.98
N ASP A 129 -7.47 -23.94 7.46
CA ASP A 129 -6.67 -24.87 8.24
C ASP A 129 -7.33 -25.20 9.57
N THR A 130 -7.89 -24.19 10.21
CA THR A 130 -8.63 -24.41 11.46
C THR A 130 -9.82 -25.31 11.22
N VAL A 131 -10.60 -25.04 10.19
CA VAL A 131 -11.80 -25.82 9.92
C VAL A 131 -11.41 -27.26 9.58
N THR A 132 -10.31 -27.42 8.86
CA THR A 132 -9.80 -28.75 8.54
C THR A 132 -9.37 -29.53 9.78
N GLU A 133 -8.59 -28.88 10.65
CA GLU A 133 -8.09 -29.51 11.86
C GLU A 133 -9.24 -29.90 12.77
N LEU A 134 -10.23 -29.02 12.91
CA LEU A 134 -11.42 -29.33 13.71
C LEU A 134 -12.29 -30.43 13.13
N ALA A 135 -12.51 -30.43 11.82
CA ALA A 135 -13.32 -31.47 11.19
C ALA A 135 -12.66 -32.84 11.41
N GLN A 136 -11.33 -32.87 11.35
CA GLN A 136 -10.59 -34.13 11.45
C GLN A 136 -10.71 -34.73 12.85
N VAL A 137 -10.56 -33.93 13.90
CA VAL A 137 -10.67 -34.46 15.28
C VAL A 137 -12.10 -34.91 15.60
N ILE A 138 -13.10 -34.18 15.10
CA ILE A 138 -14.49 -34.52 15.35
C ILE A 138 -14.83 -35.82 14.64
N VAL A 139 -14.48 -35.92 13.36
CA VAL A 139 -14.74 -37.13 12.59
C VAL A 139 -13.97 -38.31 13.22
N SER A 140 -12.77 -38.04 13.76
CA SER A 140 -11.96 -39.12 14.36
C SER A 140 -12.65 -39.76 15.57
N ARG A 141 -13.61 -39.06 16.18
CA ARG A 141 -14.41 -39.63 17.28
C ARG A 141 -15.83 -40.03 16.87
N GLY A 142 -16.04 -40.23 15.58
CA GLY A 142 -17.32 -40.68 15.07
C GLY A 142 -18.31 -39.56 14.80
N GLY A 143 -17.90 -38.31 14.98
CA GLY A 143 -18.79 -37.20 14.69
C GLY A 143 -18.93 -36.90 13.20
N ARG A 144 -19.93 -36.09 12.87
CA ARG A 144 -20.08 -35.52 11.52
C ARG A 144 -19.95 -34.01 11.62
N PHE A 145 -19.37 -33.41 10.61
CA PHE A 145 -18.98 -32.02 10.66
C PHE A 145 -19.41 -31.26 9.43
N LEU A 146 -19.97 -30.08 9.64
CA LEU A 146 -20.31 -29.12 8.56
C LEU A 146 -19.82 -27.74 8.96
N GLU A 147 -19.20 -27.03 8.05
CA GLU A 147 -18.90 -25.61 8.33
C GLU A 147 -20.01 -24.82 7.68
N ALA A 148 -20.54 -23.84 8.41
CA ALA A 148 -21.63 -23.01 7.90
C ALA A 148 -21.46 -21.58 8.38
N PRO A 149 -20.36 -20.94 7.99
CA PRO A 149 -20.26 -19.52 8.28
C PRO A 149 -21.36 -18.68 7.60
N VAL A 150 -21.65 -17.54 8.19
CA VAL A 150 -22.75 -16.71 7.79
C VAL A 150 -22.28 -15.33 7.37
N SER A 151 -22.89 -14.84 6.32
CA SER A 151 -22.69 -13.48 5.85
C SER A 151 -23.90 -12.67 6.25
N GLY A 152 -23.66 -11.53 6.85
CA GLY A 152 -24.71 -10.61 7.26
C GLY A 152 -24.25 -9.72 8.42
N ASN A 153 -25.16 -9.42 9.33
CA ASN A 153 -24.82 -8.59 10.45
C ASN A 153 -25.87 -8.81 11.51
N GLN A 154 -25.78 -8.08 12.61
CA GLN A 154 -26.68 -8.30 13.74
C GLN A 154 -28.14 -8.16 13.32
N GLN A 155 -28.44 -7.12 12.55
CA GLN A 155 -29.80 -6.87 12.15
C GLN A 155 -30.33 -7.99 11.26
N LEU A 156 -29.55 -8.42 10.28
CA LEU A 156 -29.96 -9.50 9.40
C LEU A 156 -30.11 -10.80 10.19
N SER A 157 -29.21 -11.03 11.15
CA SER A 157 -29.35 -12.21 12.02
C SER A 157 -30.64 -12.18 12.78
N ASN A 158 -30.99 -11.01 13.32
CA ASN A 158 -32.24 -10.84 14.05
C ASN A 158 -33.44 -11.09 13.15
N ASP A 159 -33.38 -10.58 11.94
CA ASP A 159 -34.46 -10.76 10.96
C ASP A 159 -34.48 -12.16 10.35
N GLY A 160 -33.47 -12.98 10.60
CA GLY A 160 -33.39 -14.29 9.97
C GLY A 160 -33.10 -14.23 8.48
N MET A 161 -32.33 -13.24 8.07
CA MET A 161 -32.05 -12.98 6.67
C MET A 161 -30.57 -13.18 6.33
N LEU A 162 -29.87 -14.03 7.04
CA LEU A 162 -28.45 -14.27 6.72
C LEU A 162 -28.26 -15.05 5.43
N VAL A 163 -27.09 -14.90 4.83
CA VAL A 163 -26.67 -15.77 3.75
C VAL A 163 -25.73 -16.83 4.33
N ILE A 164 -26.06 -18.11 4.17
CA ILE A 164 -25.27 -19.18 4.77
C ILE A 164 -24.40 -19.87 3.72
N LEU A 165 -23.12 -20.00 4.03
CA LEU A 165 -22.15 -20.66 3.16
C LEU A 165 -21.72 -21.93 3.86
N ALA A 166 -22.06 -23.08 3.31
CA ALA A 166 -21.81 -24.35 3.98
C ALA A 166 -20.89 -25.22 3.13
N ALA A 167 -20.16 -26.10 3.82
CA ALA A 167 -19.28 -27.05 3.18
C ALA A 167 -19.05 -28.19 4.16
N GLY A 168 -18.81 -29.39 3.61
CA GLY A 168 -18.53 -30.58 4.40
C GLY A 168 -19.55 -31.66 4.11
N ASP A 169 -20.16 -32.18 5.18
CA ASP A 169 -21.05 -33.34 5.12
C ASP A 169 -22.40 -32.96 4.49
N ARG A 170 -22.62 -33.47 3.30
CA ARG A 170 -23.78 -33.11 2.54
C ARG A 170 -25.08 -33.54 3.20
N GLY A 171 -25.08 -34.72 3.81
CA GLY A 171 -26.26 -35.22 4.51
C GLY A 171 -26.66 -34.29 5.64
N LEU A 172 -25.66 -33.86 6.39
CA LEU A 172 -25.87 -32.98 7.52
C LEU A 172 -26.43 -31.65 7.05
N TYR A 173 -25.95 -31.16 5.91
CA TYR A 173 -26.47 -29.93 5.30
C TYR A 173 -27.96 -30.06 5.05
N GLU A 174 -28.38 -31.18 4.47
CA GLU A 174 -29.79 -31.43 4.22
C GLU A 174 -30.58 -31.55 5.50
N ASP A 175 -30.02 -32.17 6.54
CA ASP A 175 -30.72 -32.26 7.84
C ASP A 175 -30.94 -30.87 8.47
N CYS A 176 -30.07 -29.92 8.16
CA CYS A 176 -30.18 -28.55 8.69
C CYS A 176 -31.17 -27.67 7.94
N SER A 177 -31.89 -28.24 6.98
CA SER A 177 -32.76 -27.45 6.12
C SER A 177 -33.70 -26.50 6.88
N SER A 178 -34.45 -27.01 7.88
CA SER A 178 -35.37 -26.15 8.64
C SER A 178 -34.62 -25.06 9.42
N CYS A 179 -33.47 -25.42 9.98
CA CYS A 179 -32.68 -24.46 10.74
C CYS A 179 -32.17 -23.34 9.88
N PHE A 180 -31.61 -23.71 8.73
CA PHE A 180 -31.06 -22.74 7.82
C PHE A 180 -32.17 -21.85 7.25
N GLN A 181 -33.35 -22.40 7.01
CA GLN A 181 -34.45 -21.57 6.53
C GLN A 181 -34.96 -20.63 7.62
N ALA A 182 -34.88 -21.03 8.89
CA ALA A 182 -35.27 -20.13 9.98
C ALA A 182 -34.30 -18.97 10.12
N MET A 183 -33.02 -19.28 10.10
CA MET A 183 -32.00 -18.27 10.36
C MET A 183 -31.59 -17.51 9.13
N GLY A 184 -31.93 -18.03 7.95
CA GLY A 184 -31.34 -17.52 6.73
C GLY A 184 -32.32 -17.14 5.64
N LYS A 185 -31.83 -16.27 4.77
CA LYS A 185 -32.48 -15.84 3.55
C LYS A 185 -32.23 -16.86 2.48
N THR A 186 -31.02 -17.39 2.46
CA THR A 186 -30.60 -18.34 1.45
C THR A 186 -29.36 -19.12 1.93
N SER A 187 -29.05 -20.23 1.29
CA SER A 187 -27.92 -21.05 1.70
C SER A 187 -27.22 -21.64 0.46
N PHE A 188 -25.90 -21.67 0.50
CA PHE A 188 -25.07 -22.26 -0.53
C PHE A 188 -24.28 -23.43 0.04
N PHE A 189 -24.19 -24.51 -0.71
CA PHE A 189 -23.37 -25.61 -0.33
C PHE A 189 -22.20 -25.68 -1.30
N LEU A 190 -20.98 -25.55 -0.76
CA LEU A 190 -19.81 -25.28 -1.58
C LEU A 190 -18.86 -26.46 -1.66
N GLY A 191 -19.28 -27.61 -1.19
CA GLY A 191 -18.48 -28.82 -1.38
C GLY A 191 -17.69 -29.23 -0.17
N GLU A 192 -16.42 -29.58 -0.38
CA GLU A 192 -15.58 -30.19 0.66
C GLU A 192 -15.25 -29.17 1.75
N VAL A 193 -15.02 -29.68 2.97
CA VAL A 193 -14.63 -28.85 4.10
C VAL A 193 -13.45 -27.99 3.74
N GLY A 194 -13.54 -26.70 4.07
CA GLY A 194 -12.53 -25.73 3.72
C GLY A 194 -13.06 -24.66 2.78
N ASN A 195 -13.90 -25.08 1.84
CA ASN A 195 -14.37 -24.20 0.79
C ASN A 195 -15.26 -23.05 1.28
N ALA A 196 -16.11 -23.30 2.28
CA ALA A 196 -16.93 -22.25 2.85
C ALA A 196 -16.04 -21.20 3.56
N ALA A 197 -15.02 -21.64 4.28
CA ALA A 197 -14.11 -20.70 4.93
C ALA A 197 -13.45 -19.82 3.88
N LYS A 198 -12.97 -20.42 2.80
CA LYS A 198 -12.24 -19.65 1.79
C LYS A 198 -13.16 -18.64 1.13
N MET A 199 -14.37 -19.05 0.84
CA MET A 199 -15.31 -18.14 0.20
C MET A 199 -15.69 -17.01 1.17
N MET A 200 -15.96 -17.35 2.42
CA MET A 200 -16.38 -16.33 3.37
C MET A 200 -15.28 -15.28 3.53
N LEU A 201 -14.04 -15.72 3.58
CA LEU A 201 -12.94 -14.77 3.73
C LEU A 201 -12.88 -13.81 2.56
N ILE A 202 -13.19 -14.28 1.36
CA ILE A 202 -13.13 -13.44 0.16
C ILE A 202 -14.26 -12.44 0.18
N VAL A 203 -15.47 -12.92 0.48
CA VAL A 203 -16.63 -12.05 0.61
C VAL A 203 -16.32 -10.92 1.61
N ASN A 204 -15.78 -11.27 2.77
CA ASN A 204 -15.49 -10.26 3.78
C ASN A 204 -14.34 -9.35 3.45
N MET A 205 -13.41 -9.85 2.67
CA MET A 205 -12.30 -9.04 2.20
C MET A 205 -12.85 -7.92 1.34
N VAL A 206 -13.74 -8.29 0.42
CA VAL A 206 -14.39 -7.33 -0.45
C VAL A 206 -15.17 -6.29 0.36
N GLN A 207 -15.95 -6.75 1.32
CA GLN A 207 -16.73 -5.84 2.17
C GLN A 207 -15.84 -4.90 2.97
N GLY A 208 -14.83 -5.48 3.60
CA GLY A 208 -13.93 -4.72 4.44
C GLY A 208 -13.13 -3.68 3.68
N SER A 209 -12.61 -4.08 2.51
CA SER A 209 -11.88 -3.15 1.66
C SER A 209 -12.78 -2.03 1.19
N PHE A 210 -13.98 -2.36 0.78
CA PHE A 210 -14.90 -1.36 0.31
C PHE A 210 -15.24 -0.36 1.41
N MET A 211 -15.45 -0.84 2.63
CA MET A 211 -15.74 0.07 3.76
C MET A 211 -14.60 1.07 3.94
N ALA A 212 -13.36 0.58 3.88
CA ALA A 212 -12.17 1.45 3.96
C ALA A 212 -12.21 2.55 2.91
N THR A 213 -12.52 2.14 1.68
CA THR A 213 -12.63 3.07 0.55
C THR A 213 -13.73 4.12 0.78
N ILE A 214 -14.89 3.68 1.26
CA ILE A 214 -16.02 4.58 1.55
C ILE A 214 -15.60 5.61 2.60
N ALA A 215 -14.94 5.14 3.65
CA ALA A 215 -14.46 6.03 4.72
C ALA A 215 -13.46 7.05 4.15
N GLU A 216 -12.61 6.56 3.25
CA GLU A 216 -11.61 7.40 2.63
C GLU A 216 -12.29 8.47 1.81
N GLY A 217 -13.35 8.09 1.13
CA GLY A 217 -14.09 9.05 0.30
C GLY A 217 -14.83 10.10 1.08
N LEU A 218 -15.54 9.68 2.12
CA LEU A 218 -16.30 10.62 2.92
C LEU A 218 -15.37 11.60 3.65
N THR A 219 -14.26 11.11 4.19
CA THR A 219 -13.33 11.99 4.88
C THR A 219 -12.64 12.93 3.92
N LEU A 220 -12.31 12.46 2.71
CA LEU A 220 -11.73 13.34 1.68
C LEU A 220 -12.70 14.47 1.32
N ALA A 221 -13.98 14.12 1.23
CA ALA A 221 -15.03 15.09 0.94
C ALA A 221 -15.08 16.13 2.04
N GLN A 222 -15.07 15.68 3.29
CA GLN A 222 -15.12 16.58 4.44
C GLN A 222 -14.00 17.61 4.39
N VAL A 223 -12.79 17.10 4.24
CA VAL A 223 -11.56 17.85 4.35
C VAL A 223 -11.36 18.80 3.17
N THR A 224 -12.05 18.56 2.07
CA THR A 224 -11.90 19.41 0.89
C THR A 224 -13.10 20.31 0.68
N GLY A 225 -13.88 20.51 1.74
CA GLY A 225 -14.98 21.46 1.72
C GLY A 225 -16.24 20.98 1.01
N GLN A 226 -16.33 19.70 0.69
CA GLN A 226 -17.53 19.16 0.05
C GLN A 226 -18.49 18.58 1.08
N SER A 227 -19.74 18.39 0.67
CA SER A 227 -20.77 17.83 1.54
C SER A 227 -20.77 16.30 1.45
N GLN A 228 -20.60 15.66 2.59
CA GLN A 228 -20.65 14.22 2.66
C GLN A 228 -22.05 13.74 2.25
N GLN A 229 -23.08 14.46 2.69
CA GLN A 229 -24.45 14.07 2.35
C GLN A 229 -24.65 14.10 0.85
N THR A 230 -24.11 15.10 0.18
CA THR A 230 -24.24 15.21 -1.28
C THR A 230 -23.46 14.11 -1.98
N LEU A 231 -22.30 13.74 -1.44
CA LEU A 231 -21.56 12.62 -1.99
C LEU A 231 -22.43 11.38 -1.94
N LEU A 232 -23.11 11.16 -0.83
CA LEU A 232 -23.95 9.98 -0.71
C LEU A 232 -25.08 10.05 -1.71
N ASP A 233 -25.70 11.21 -1.84
CA ASP A 233 -26.82 11.37 -2.78
C ASP A 233 -26.36 11.05 -4.21
N ILE A 234 -25.17 11.51 -4.60
CA ILE A 234 -24.65 11.24 -5.94
C ILE A 234 -24.40 9.74 -6.11
N LEU A 235 -23.73 9.14 -5.15
CA LEU A 235 -23.45 7.71 -5.22
C LEU A 235 -24.75 6.91 -5.34
N ASN A 236 -25.78 7.30 -4.59
CA ASN A 236 -27.08 6.62 -4.69
C ASN A 236 -27.78 6.77 -6.06
N GLN A 237 -27.45 7.81 -6.81
CA GLN A 237 -27.93 7.91 -8.19
C GLN A 237 -27.07 7.10 -9.18
N GLY A 238 -25.90 6.64 -8.75
CA GLY A 238 -25.00 5.91 -9.65
C GLY A 238 -25.20 4.42 -9.64
N GLN A 239 -24.35 3.73 -10.42
CA GLN A 239 -24.39 2.27 -10.55
C GLN A 239 -23.91 1.53 -9.30
N LEU A 240 -23.14 2.22 -8.44
CA LEU A 240 -22.62 1.62 -7.22
C LEU A 240 -23.61 1.59 -6.07
N ALA A 241 -24.81 2.15 -6.26
CA ALA A 241 -25.81 2.22 -5.19
C ALA A 241 -26.07 0.84 -4.65
N SER A 242 -25.92 0.68 -3.33
CA SER A 242 -26.25 -0.57 -2.64
C SER A 242 -26.77 -0.29 -1.24
N ILE A 243 -27.50 -1.25 -0.67
CA ILE A 243 -27.97 -1.13 0.71
C ILE A 243 -26.77 -0.85 1.63
N PHE A 244 -25.68 -1.57 1.41
CA PHE A 244 -24.47 -1.44 2.21
C PHE A 244 -23.93 -0.02 2.17
N LEU A 245 -23.70 0.48 0.96
CA LEU A 245 -23.16 1.83 0.79
C LEU A 245 -24.02 2.87 1.50
N ASP A 246 -25.34 2.79 1.33
CA ASP A 246 -26.24 3.77 1.93
C ASP A 246 -26.23 3.67 3.46
N GLN A 247 -26.35 2.44 3.96
CA GLN A 247 -26.44 2.23 5.38
C GLN A 247 -25.16 2.69 6.09
N LYS A 248 -24.01 2.23 5.62
CA LYS A 248 -22.74 2.61 6.25
C LYS A 248 -22.45 4.12 6.17
N CYS A 249 -22.86 4.77 5.09
CA CYS A 249 -22.70 6.22 5.03
C CYS A 249 -23.60 6.94 6.00
N GLN A 250 -24.85 6.48 6.12
CA GLN A 250 -25.80 7.09 7.04
C GLN A 250 -25.30 6.97 8.47
N ASN A 251 -24.73 5.81 8.81
CA ASN A 251 -24.06 5.62 10.10
C ASN A 251 -23.00 6.70 10.34
N ILE A 252 -22.09 6.86 9.39
CA ILE A 252 -21.04 7.85 9.55
C ILE A 252 -21.64 9.25 9.68
N LEU A 253 -22.60 9.59 8.82
CA LEU A 253 -23.21 10.91 8.86
C LEU A 253 -23.95 11.20 10.16
N GLN A 254 -24.53 10.20 10.77
CA GLN A 254 -25.18 10.39 12.06
C GLN A 254 -24.26 10.21 13.25
N GLY A 255 -22.99 9.89 13.02
CA GLY A 255 -22.06 9.59 14.09
C GLY A 255 -22.41 8.34 14.88
N ASN A 256 -23.15 7.44 14.26
CA ASN A 256 -23.63 6.23 14.92
C ASN A 256 -22.78 4.99 14.55
N PHE A 257 -21.91 4.59 15.45
CA PHE A 257 -21.01 3.47 15.22
C PHE A 257 -21.32 2.28 16.14
N LYS A 258 -22.58 2.17 16.56
CA LYS A 258 -23.03 1.00 17.32
C LYS A 258 -22.84 -0.21 16.42
N PRO A 259 -22.26 -1.30 16.96
CA PRO A 259 -21.86 -2.40 16.11
C PRO A 259 -22.98 -3.23 15.52
N ASP A 260 -22.99 -3.31 14.19
CA ASP A 260 -23.80 -4.27 13.46
C ASP A 260 -22.88 -5.44 13.08
N PHE A 261 -21.64 -5.11 12.73
CA PHE A 261 -20.56 -6.05 12.60
C PHE A 261 -19.30 -5.45 13.23
N TYR A 262 -18.77 -6.11 14.26
CA TYR A 262 -17.61 -5.58 14.99
C TYR A 262 -16.43 -5.32 14.08
N LEU A 263 -15.76 -4.18 14.32
CA LEU A 263 -14.60 -3.81 13.53
C LEU A 263 -13.51 -4.85 13.69
N LYS A 264 -13.34 -5.34 14.92
CA LYS A 264 -12.33 -6.37 15.17
C LYS A 264 -12.58 -7.60 14.31
N TYR A 265 -13.84 -7.90 14.02
CA TYR A 265 -14.13 -9.08 13.21
C TYR A 265 -13.74 -8.88 11.77
N ILE A 266 -13.98 -7.69 11.24
CA ILE A 266 -13.64 -7.42 9.86
C ILE A 266 -12.11 -7.38 9.69
N GLN A 267 -11.39 -6.89 10.70
CA GLN A 267 -9.92 -6.87 10.62
C GLN A 267 -9.36 -8.27 10.71
N LYS A 268 -10.01 -9.13 11.50
CA LYS A 268 -9.61 -10.54 11.58
C LYS A 268 -9.80 -11.18 10.20
N ASP A 269 -10.94 -10.93 9.57
CA ASP A 269 -11.22 -11.53 8.28
C ASP A 269 -10.26 -11.00 7.23
N LEU A 270 -9.89 -9.71 7.30
CA LEU A 270 -8.90 -9.19 6.34
C LEU A 270 -7.54 -9.88 6.52
N ARG A 271 -7.12 -10.00 7.78
CA ARG A 271 -5.86 -10.66 8.07
C ARG A 271 -5.84 -12.07 7.54
N LEU A 272 -6.94 -12.80 7.73
CA LEU A 272 -7.01 -14.18 7.28
C LEU A 272 -7.08 -14.28 5.75
N ALA A 273 -7.77 -13.33 5.11
CA ALA A 273 -7.86 -13.28 3.64
C ALA A 273 -6.48 -13.09 3.06
N ILE A 274 -5.71 -12.17 3.65
CA ILE A 274 -4.34 -11.95 3.21
C ILE A 274 -3.50 -13.23 3.38
N ALA A 275 -3.72 -13.93 4.49
CA ALA A 275 -3.03 -15.18 4.75
C ALA A 275 -3.40 -16.22 3.72
N LEU A 276 -4.64 -16.21 3.25
CA LEU A 276 -5.08 -17.16 2.24
C LEU A 276 -4.33 -16.89 0.94
N GLY A 277 -4.22 -15.62 0.59
CA GLY A 277 -3.46 -15.23 -0.59
C GLY A 277 -1.99 -15.60 -0.49
N ASP A 278 -1.41 -15.44 0.70
CA ASP A 278 -0.03 -15.79 0.95
C ASP A 278 0.14 -17.23 0.59
N ALA A 279 -0.80 -18.04 1.04
CA ALA A 279 -0.70 -19.49 0.91
C ALA A 279 -0.60 -19.95 -0.53
N VAL A 280 -1.20 -19.20 -1.45
CA VAL A 280 -1.14 -19.53 -2.89
C VAL A 280 -0.38 -18.46 -3.70
N ASN A 281 0.55 -17.74 -3.06
CA ASN A 281 1.39 -16.74 -3.76
C ASN A 281 0.62 -15.69 -4.56
N HIS A 282 -0.53 -15.24 -4.05
CA HIS A 282 -1.37 -14.25 -4.75
C HIS A 282 -1.41 -12.91 -4.01
N PRO A 283 -0.77 -11.86 -4.57
CA PRO A 283 -0.82 -10.56 -3.91
C PRO A 283 -2.24 -10.03 -3.76
N THR A 284 -2.50 -9.43 -2.60
CA THR A 284 -3.78 -8.83 -2.26
C THR A 284 -3.53 -7.42 -1.70
N PRO A 285 -3.00 -6.51 -2.53
CA PRO A 285 -2.57 -5.19 -2.08
C PRO A 285 -3.70 -4.30 -1.56
N MET A 286 -4.87 -4.44 -2.15
CA MET A 286 -6.04 -3.68 -1.71
C MET A 286 -6.39 -4.12 -0.28
N ALA A 287 -6.45 -5.44 -0.04
CA ALA A 287 -6.68 -5.99 1.30
C ALA A 287 -5.58 -5.56 2.26
N ALA A 288 -4.33 -5.64 1.81
CA ALA A 288 -3.18 -5.29 2.66
C ALA A 288 -3.31 -3.85 3.15
N ALA A 289 -3.65 -2.95 2.24
CA ALA A 289 -3.85 -1.55 2.56
C ALA A 289 -5.00 -1.38 3.55
N ALA A 290 -6.15 -2.00 3.24
CA ALA A 290 -7.32 -1.88 4.12
C ALA A 290 -6.97 -2.35 5.54
N ASN A 291 -6.24 -3.47 5.62
CA ASN A 291 -5.90 -4.10 6.87
C ASN A 291 -5.12 -3.13 7.75
N GLU A 292 -4.20 -2.38 7.16
CA GLU A 292 -3.38 -1.45 7.94
C GLU A 292 -4.20 -0.27 8.48
N VAL A 293 -5.20 0.16 7.72
CA VAL A 293 -6.13 1.19 8.17
C VAL A 293 -7.00 0.67 9.34
N TYR A 294 -7.43 -0.59 9.27
CA TYR A 294 -8.23 -1.17 10.34
C TYR A 294 -7.40 -1.36 11.60
N LYS A 295 -6.13 -1.72 11.44
CA LYS A 295 -5.22 -1.83 12.59
C LYS A 295 -5.08 -0.48 13.27
N ARG A 296 -5.02 0.60 12.49
CA ARG A 296 -4.97 1.93 13.09
C ARG A 296 -6.26 2.20 13.86
N ALA A 297 -7.41 1.81 13.29
CA ALA A 297 -8.68 1.97 13.97
C ALA A 297 -8.70 1.22 15.30
N LYS A 298 -8.14 0.02 15.33
CA LYS A 298 -8.05 -0.75 16.59
C LYS A 298 -7.16 -0.05 17.59
N ALA A 299 -6.06 0.52 17.10
CA ALA A 299 -5.16 1.32 17.93
C ALA A 299 -5.85 2.56 18.49
N LEU A 300 -6.89 3.03 17.82
CA LEU A 300 -7.73 4.13 18.32
C LEU A 300 -8.99 3.62 19.06
N ASP A 301 -8.92 2.40 19.60
CA ASP A 301 -9.96 1.83 20.46
C ASP A 301 -11.33 1.60 19.79
N GLN A 302 -11.32 1.27 18.53
CA GLN A 302 -12.57 1.07 17.81
C GLN A 302 -12.98 -0.39 17.65
N SER A 303 -12.24 -1.32 18.25
CA SER A 303 -12.47 -2.75 18.06
C SER A 303 -13.93 -3.21 18.24
N ASP A 304 -14.62 -2.64 19.23
CA ASP A 304 -15.99 -3.05 19.58
C ASP A 304 -17.07 -2.16 19.00
N ASN A 305 -16.71 -1.26 18.10
CA ASN A 305 -17.71 -0.51 17.34
C ASN A 305 -17.96 -1.16 16.01
N ASP A 306 -18.89 -0.60 15.23
CA ASP A 306 -19.16 -1.15 13.90
C ASP A 306 -17.93 -1.03 13.01
N MET A 307 -17.85 -1.90 12.01
CA MET A 307 -16.76 -1.84 11.05
C MET A 307 -16.65 -0.45 10.39
N SER A 308 -17.77 0.27 10.35
CA SER A 308 -17.78 1.61 9.77
C SER A 308 -16.94 2.59 10.59
N ALA A 309 -16.61 2.22 11.84
CA ALA A 309 -15.74 3.07 12.68
C ALA A 309 -14.32 3.19 12.16
N VAL A 310 -14.00 2.50 11.08
CA VAL A 310 -12.72 2.69 10.42
C VAL A 310 -12.58 4.13 9.94
N TYR A 311 -13.71 4.80 9.77
CA TYR A 311 -13.77 6.23 9.59
C TYR A 311 -12.86 6.99 10.53
N ARG A 312 -12.81 6.56 11.77
CA ARG A 312 -11.98 7.26 12.74
C ARG A 312 -10.48 7.13 12.52
N ALA A 313 -10.07 6.15 11.71
CA ALA A 313 -8.67 6.03 11.30
C ALA A 313 -8.27 7.16 10.34
N TYR A 314 -9.26 7.80 9.72
CA TYR A 314 -8.98 8.86 8.74
C TYR A 314 -9.07 10.27 9.31
N ILE A 315 -9.88 10.43 10.35
CA ILE A 315 -10.08 11.74 10.98
C ILE A 315 -8.75 12.38 11.36
N HIS A 316 -8.61 13.67 11.02
CA HIS A 316 -7.42 14.49 11.37
C HIS A 316 -7.42 14.88 12.85
N SER B 25 -39.88 15.31 -23.22
CA SER B 25 -41.09 16.18 -23.36
C SER B 25 -40.85 17.63 -22.88
N ILE B 26 -39.87 17.86 -21.99
CA ILE B 26 -39.35 19.23 -21.79
C ILE B 26 -39.02 19.78 -23.18
N THR B 27 -39.42 21.04 -23.42
CA THR B 27 -39.22 21.70 -24.70
C THR B 27 -37.76 22.23 -24.83
N PRO B 28 -37.10 21.98 -25.98
CA PRO B 28 -35.65 22.26 -26.09
C PRO B 28 -35.36 23.75 -26.26
N THR B 29 -34.23 24.17 -25.72
CA THR B 29 -33.81 25.57 -25.77
C THR B 29 -33.69 26.09 -27.20
N ASP B 30 -33.95 27.38 -27.38
CA ASP B 30 -33.72 28.09 -28.66
C ASP B 30 -32.24 28.17 -29.01
N LYS B 31 -31.42 28.17 -27.98
CA LYS B 31 -30.02 28.49 -28.11
C LYS B 31 -29.30 27.52 -29.03
N LYS B 32 -28.40 28.06 -29.84
CA LYS B 32 -27.54 27.26 -30.69
C LYS B 32 -26.49 26.57 -29.82
N ILE B 33 -26.46 25.24 -29.82
CA ILE B 33 -25.53 24.49 -28.99
C ILE B 33 -24.34 23.97 -29.80
N GLY B 34 -23.14 24.11 -29.24
CA GLY B 34 -21.92 23.57 -29.82
C GLY B 34 -21.43 22.41 -28.97
N PHE B 35 -20.74 21.46 -29.59
CA PHE B 35 -20.21 20.33 -28.84
C PHE B 35 -18.82 19.89 -29.33
N LEU B 36 -17.86 19.91 -28.43
CA LEU B 36 -16.49 19.63 -28.78
C LEU B 36 -16.05 18.34 -28.09
N GLY B 37 -15.63 17.35 -28.89
CA GLY B 37 -15.12 16.07 -28.37
C GLY B 37 -16.18 14.99 -28.44
N LEU B 38 -16.12 14.20 -29.50
CA LEU B 38 -17.11 13.16 -29.74
C LEU B 38 -16.57 11.79 -29.36
N GLY B 39 -16.05 11.71 -28.14
CA GLY B 39 -15.47 10.50 -27.61
C GLY B 39 -16.51 9.56 -27.03
N LEU B 40 -16.04 8.72 -26.10
CA LEU B 40 -16.83 7.66 -25.47
C LEU B 40 -18.08 8.23 -24.83
N MET B 41 -17.92 9.32 -24.10
CA MET B 41 -19.05 10.01 -23.47
C MET B 41 -19.74 11.00 -24.38
N GLY B 42 -18.96 11.82 -25.08
CA GLY B 42 -19.52 12.93 -25.85
C GLY B 42 -20.46 12.46 -26.95
N SER B 43 -20.11 11.35 -27.56
CA SER B 43 -20.91 10.83 -28.66
C SER B 43 -22.36 10.56 -28.23
N GLY B 44 -22.56 9.94 -27.07
CA GLY B 44 -23.92 9.64 -26.58
C GLY B 44 -24.67 10.91 -26.19
N ILE B 45 -23.94 11.85 -25.59
CA ILE B 45 -24.51 13.13 -25.18
C ILE B 45 -25.08 13.83 -26.42
N VAL B 46 -24.27 13.92 -27.46
CA VAL B 46 -24.70 14.60 -28.67
C VAL B 46 -25.92 13.91 -29.27
N SER B 47 -25.89 12.59 -29.36
CA SER B 47 -27.05 11.85 -29.86
C SER B 47 -28.31 12.25 -29.15
N ASN B 48 -28.26 12.23 -27.82
CA ASN B 48 -29.44 12.54 -27.05
C ASN B 48 -29.84 14.01 -27.16
N LEU B 49 -28.88 14.90 -27.33
CA LEU B 49 -29.19 16.32 -27.56
C LEU B 49 -29.97 16.49 -28.88
N LEU B 50 -29.55 15.76 -29.91
CA LEU B 50 -30.22 15.81 -31.20
C LEU B 50 -31.59 15.12 -31.17
N LYS B 51 -31.68 13.96 -30.51
CA LYS B 51 -32.95 13.25 -30.34
C LYS B 51 -34.00 14.16 -29.72
N MET B 52 -33.58 15.00 -28.76
CA MET B 52 -34.50 15.85 -28.01
C MET B 52 -34.69 17.21 -28.66
N GLY B 53 -34.19 17.36 -29.88
CA GLY B 53 -34.57 18.48 -30.72
C GLY B 53 -33.70 19.71 -30.64
N HIS B 54 -32.47 19.58 -30.15
CA HIS B 54 -31.56 20.73 -30.10
C HIS B 54 -30.87 20.96 -31.43
N THR B 55 -30.51 22.22 -31.69
CA THR B 55 -29.63 22.58 -32.79
C THR B 55 -28.20 22.46 -32.30
N VAL B 56 -27.43 21.57 -32.93
CA VAL B 56 -26.10 21.25 -32.44
C VAL B 56 -25.03 21.33 -33.53
N THR B 57 -23.94 22.02 -33.23
CA THR B 57 -22.77 22.02 -34.10
C THR B 57 -21.68 21.22 -33.40
N VAL B 58 -21.14 20.23 -34.09
CA VAL B 58 -20.17 19.29 -33.51
C VAL B 58 -18.81 19.47 -34.14
N TRP B 59 -17.79 19.16 -33.34
CA TRP B 59 -16.41 19.20 -33.78
C TRP B 59 -15.62 18.14 -33.02
N ASN B 60 -14.64 17.57 -33.69
CA ASN B 60 -13.79 16.57 -33.07
C ASN B 60 -12.42 16.64 -33.72
N ARG B 61 -11.37 16.46 -32.94
CA ARG B 61 -10.02 16.51 -33.47
C ARG B 61 -9.84 15.65 -34.73
N THR B 62 -10.41 14.43 -34.69
CA THR B 62 -10.56 13.61 -35.88
C THR B 62 -11.90 13.89 -36.52
N ALA B 63 -11.89 14.43 -37.73
CA ALA B 63 -13.12 14.86 -38.42
C ALA B 63 -14.10 13.71 -38.68
N GLU B 64 -13.58 12.51 -38.96
CA GLU B 64 -14.39 11.34 -39.38
C GLU B 64 -15.48 10.96 -38.36
N LYS B 65 -15.18 11.13 -37.07
CA LYS B 65 -16.13 10.80 -35.99
C LYS B 65 -17.44 11.63 -36.07
N CYS B 66 -17.38 12.78 -36.74
CA CYS B 66 -18.55 13.65 -36.86
C CYS B 66 -19.59 13.17 -37.86
N ASP B 67 -19.20 12.27 -38.78
CA ASP B 67 -20.08 11.80 -39.86
C ASP B 67 -21.40 11.22 -39.36
N LEU B 68 -21.31 10.42 -38.28
CA LEU B 68 -22.47 9.75 -37.68
C LEU B 68 -23.60 10.69 -37.32
N PHE B 69 -23.27 11.95 -37.05
CA PHE B 69 -24.29 12.87 -36.62
C PHE B 69 -24.89 13.66 -37.78
N ILE B 70 -24.39 13.47 -38.99
CA ILE B 70 -24.94 14.14 -40.18
C ILE B 70 -26.39 13.71 -40.38
N GLN B 71 -26.62 12.40 -40.34
CA GLN B 71 -27.97 11.85 -40.47
C GLN B 71 -28.83 12.21 -39.28
N GLU B 72 -28.20 12.45 -38.13
CA GLU B 72 -28.93 12.87 -36.94
C GLU B 72 -29.14 14.39 -36.93
N GLY B 73 -28.57 15.11 -37.91
CA GLY B 73 -28.90 16.51 -38.11
C GLY B 73 -27.95 17.54 -37.51
N ALA B 74 -26.74 17.14 -37.14
CA ALA B 74 -25.79 18.08 -36.59
C ALA B 74 -25.15 18.90 -37.70
N ARG B 75 -24.76 20.14 -37.39
CA ARG B 75 -23.96 20.97 -38.27
C ARG B 75 -22.50 20.64 -37.95
N LEU B 76 -21.63 20.60 -38.95
CA LEU B 76 -20.22 20.28 -38.74
C LEU B 76 -19.44 21.56 -38.57
N GLY B 77 -18.79 21.73 -37.43
CA GLY B 77 -17.95 22.89 -37.18
C GLY B 77 -16.52 22.65 -37.64
N ARG B 78 -15.83 23.70 -38.05
CA ARG B 78 -14.48 23.55 -38.60
C ARG B 78 -13.41 23.62 -37.51
N THR B 79 -13.59 24.46 -36.52
CA THR B 79 -12.63 24.55 -35.44
C THR B 79 -13.38 24.89 -34.16
N PRO B 80 -12.77 24.62 -33.00
CA PRO B 80 -13.38 25.02 -31.73
C PRO B 80 -13.72 26.52 -31.67
N ALA B 81 -12.78 27.36 -32.10
CA ALA B 81 -12.97 28.80 -32.11
C ALA B 81 -14.23 29.15 -32.89
N GLU B 82 -14.39 28.56 -34.06
CA GLU B 82 -15.54 28.86 -34.89
C GLU B 82 -16.85 28.33 -34.30
N VAL B 83 -16.79 27.16 -33.66
CA VAL B 83 -17.98 26.58 -33.06
C VAL B 83 -18.44 27.50 -31.93
N VAL B 84 -17.51 27.93 -31.08
CA VAL B 84 -17.83 28.86 -30.00
C VAL B 84 -18.36 30.19 -30.54
N SER B 85 -17.76 30.67 -31.62
CA SER B 85 -18.17 31.93 -32.21
C SER B 85 -19.59 31.88 -32.76
N THR B 86 -19.95 30.74 -33.32
CA THR B 86 -21.26 30.47 -33.89
C THR B 86 -22.37 30.18 -32.87
N CYS B 87 -22.03 29.58 -31.73
CA CYS B 87 -23.00 29.04 -30.80
C CYS B 87 -23.14 29.88 -29.54
N ASP B 88 -24.23 29.66 -28.83
CA ASP B 88 -24.54 30.42 -27.62
C ASP B 88 -23.94 29.69 -26.42
N ILE B 89 -24.09 28.36 -26.38
CA ILE B 89 -23.52 27.52 -25.34
C ILE B 89 -22.69 26.44 -26.01
N THR B 90 -21.42 26.30 -25.62
CA THR B 90 -20.56 25.24 -26.18
C THR B 90 -20.13 24.27 -25.07
N PHE B 91 -20.44 22.98 -25.25
CA PHE B 91 -20.01 21.96 -24.33
C PHE B 91 -18.73 21.33 -24.87
N ALA B 92 -17.82 20.98 -23.95
CA ALA B 92 -16.60 20.25 -24.29
C ALA B 92 -16.50 19.02 -23.43
N CYS B 93 -16.04 17.93 -24.02
CA CYS B 93 -15.88 16.70 -23.33
C CYS B 93 -14.64 15.95 -23.83
N VAL B 94 -13.50 16.26 -23.22
CA VAL B 94 -12.25 15.65 -23.62
C VAL B 94 -11.59 14.90 -22.44
N SER B 95 -10.47 14.24 -22.72
CA SER B 95 -9.94 13.22 -21.82
C SER B 95 -9.25 13.73 -20.54
N ASP B 96 -8.18 14.51 -20.69
CA ASP B 96 -7.31 14.86 -19.55
C ASP B 96 -7.42 16.35 -19.28
N PRO B 97 -6.76 16.81 -18.20
CA PRO B 97 -6.39 18.23 -18.07
C PRO B 97 -5.57 18.76 -19.26
N LYS B 98 -4.53 18.04 -19.67
CA LYS B 98 -3.75 18.46 -20.84
C LYS B 98 -4.63 18.74 -22.06
N ALA B 99 -5.56 17.82 -22.34
CA ALA B 99 -6.45 17.99 -23.47
C ALA B 99 -7.44 19.13 -23.26
N ALA B 100 -7.98 19.26 -22.06
CA ALA B 100 -8.92 20.34 -21.76
C ALA B 100 -8.22 21.68 -21.91
N LYS B 101 -7.02 21.81 -21.36
CA LYS B 101 -6.25 23.05 -21.51
C LYS B 101 -5.89 23.35 -22.97
N ASP B 102 -5.45 22.34 -23.72
CA ASP B 102 -5.07 22.56 -25.11
C ASP B 102 -6.27 22.95 -25.94
N LEU B 103 -7.41 22.31 -25.70
CA LEU B 103 -8.64 22.64 -26.43
C LEU B 103 -9.00 24.13 -26.24
N VAL B 104 -8.71 24.67 -25.07
CA VAL B 104 -9.06 26.06 -24.75
C VAL B 104 -8.00 27.03 -25.26
N LEU B 105 -6.74 26.72 -24.98
CA LEU B 105 -5.65 27.66 -25.17
C LEU B 105 -4.85 27.47 -26.45
N GLY B 106 -5.01 26.36 -27.15
CA GLY B 106 -4.27 26.11 -28.40
C GLY B 106 -4.75 26.97 -29.58
N PRO B 107 -4.08 26.82 -30.74
CA PRO B 107 -4.51 27.58 -31.95
C PRO B 107 -5.93 27.18 -32.43
N SER B 108 -6.70 28.19 -32.80
CA SER B 108 -8.13 28.08 -33.10
C SER B 108 -8.91 27.38 -31.98
N GLY B 109 -8.44 27.54 -30.76
CA GLY B 109 -9.07 26.98 -29.59
C GLY B 109 -10.27 27.78 -29.10
N VAL B 110 -10.87 27.28 -28.03
CA VAL B 110 -12.09 27.86 -27.48
C VAL B 110 -11.90 29.32 -27.10
N LEU B 111 -10.77 29.66 -26.50
CA LEU B 111 -10.54 31.03 -26.06
C LEU B 111 -10.63 32.05 -27.20
N GLN B 112 -10.10 31.70 -28.35
CA GLN B 112 -10.12 32.60 -29.51
C GLN B 112 -11.53 32.88 -30.04
N GLY B 113 -12.50 32.09 -29.63
CA GLY B 113 -13.88 32.32 -30.06
C GLY B 113 -14.74 32.99 -29.03
N ILE B 114 -14.22 33.16 -27.82
CA ILE B 114 -15.01 33.75 -26.73
C ILE B 114 -15.13 35.25 -26.90
N ARG B 115 -16.33 35.76 -26.68
CA ARG B 115 -16.56 37.20 -26.56
C ARG B 115 -17.73 37.39 -25.60
N PRO B 116 -17.96 38.61 -25.09
CA PRO B 116 -18.99 38.82 -24.08
C PRO B 116 -20.30 38.13 -24.38
N GLY B 117 -20.79 37.37 -23.40
CA GLY B 117 -22.00 36.59 -23.56
C GLY B 117 -21.75 35.11 -23.71
N LYS B 118 -20.78 34.72 -24.55
CA LYS B 118 -20.57 33.32 -24.90
C LYS B 118 -20.41 32.46 -23.67
N CYS B 119 -20.86 31.20 -23.78
CA CYS B 119 -20.88 30.28 -22.66
C CYS B 119 -20.16 29.01 -22.97
N TYR B 120 -19.36 28.57 -22.01
CA TYR B 120 -18.61 27.35 -22.16
C TYR B 120 -18.88 26.45 -20.97
N VAL B 121 -19.24 25.20 -21.27
CA VAL B 121 -19.47 24.18 -20.25
C VAL B 121 -18.44 23.07 -20.43
N ASP B 122 -17.47 22.96 -19.51
CA ASP B 122 -16.48 21.87 -19.63
C ASP B 122 -16.95 20.65 -18.87
N MET B 123 -17.14 19.56 -19.61
CA MET B 123 -17.59 18.28 -19.07
C MET B 123 -16.49 17.25 -18.89
N SER B 124 -15.25 17.65 -19.15
CA SER B 124 -14.08 16.79 -18.93
C SER B 124 -13.89 16.60 -17.43
N THR B 125 -13.36 15.45 -17.01
CA THR B 125 -12.97 15.28 -15.59
C THR B 125 -11.50 15.69 -15.40
N VAL B 126 -11.32 16.83 -14.76
CA VAL B 126 -9.99 17.35 -14.55
C VAL B 126 -9.86 17.75 -13.09
N ASP B 127 -8.69 18.23 -12.71
CA ASP B 127 -8.48 18.70 -11.34
C ASP B 127 -9.02 20.12 -11.15
N ALA B 128 -9.22 20.51 -9.89
CA ALA B 128 -9.79 21.83 -9.58
C ALA B 128 -8.92 23.01 -10.05
N ASP B 129 -7.60 22.84 -10.06
CA ASP B 129 -6.72 23.90 -10.49
C ASP B 129 -6.91 24.16 -11.98
N THR B 130 -7.05 23.09 -12.75
CA THR B 130 -7.28 23.23 -14.17
C THR B 130 -8.60 23.94 -14.41
N VAL B 131 -9.68 23.52 -13.76
CA VAL B 131 -10.97 24.19 -14.03
C VAL B 131 -10.94 25.64 -13.59
N THR B 132 -10.22 25.92 -12.52
CA THR B 132 -10.09 27.27 -12.04
C THR B 132 -9.32 28.17 -13.02
N GLU B 133 -8.22 27.66 -13.53
CA GLU B 133 -7.39 28.39 -14.49
C GLU B 133 -8.15 28.63 -15.80
N LEU B 134 -8.85 27.60 -16.27
CA LEU B 134 -9.68 27.71 -17.47
C LEU B 134 -10.86 28.67 -17.30
N ALA B 135 -11.53 28.64 -16.15
CA ALA B 135 -12.65 29.55 -15.89
C ALA B 135 -12.17 30.99 -15.90
N GLN B 136 -10.99 31.22 -15.36
CA GLN B 136 -10.45 32.56 -15.21
C GLN B 136 -10.14 33.21 -16.54
N VAL B 137 -9.51 32.47 -17.46
CA VAL B 137 -9.17 33.02 -18.78
C VAL B 137 -10.43 33.25 -19.58
N ILE B 138 -11.38 32.34 -19.50
CA ILE B 138 -12.62 32.47 -20.26
C ILE B 138 -13.44 33.68 -19.79
N VAL B 139 -13.58 33.83 -18.48
CA VAL B 139 -14.26 34.96 -17.90
C VAL B 139 -13.51 36.27 -18.23
N SER B 140 -12.19 36.21 -18.26
CA SER B 140 -11.39 37.41 -18.55
C SER B 140 -11.68 37.98 -19.93
N ARG B 141 -12.20 37.15 -20.84
CA ARG B 141 -12.59 37.61 -22.16
C ARG B 141 -14.08 37.75 -22.34
N GLY B 142 -14.79 37.88 -21.22
CA GLY B 142 -16.24 38.14 -21.25
C GLY B 142 -17.11 36.90 -21.32
N GLY B 143 -16.48 35.73 -21.26
CA GLY B 143 -17.24 34.49 -21.34
C GLY B 143 -17.89 34.13 -20.02
N ARG B 144 -18.82 33.19 -20.08
CA ARG B 144 -19.39 32.58 -18.89
C ARG B 144 -18.97 31.12 -18.85
N PHE B 145 -18.78 30.59 -17.65
CA PHE B 145 -18.18 29.27 -17.50
C PHE B 145 -18.93 28.41 -16.50
N LEU B 146 -19.19 27.17 -16.88
CA LEU B 146 -19.76 26.16 -15.99
C LEU B 146 -18.96 24.88 -16.15
N GLU B 147 -18.64 24.20 -15.06
CA GLU B 147 -18.06 22.85 -15.18
C GLU B 147 -19.19 21.89 -14.96
N ALA B 148 -19.28 20.85 -15.77
CA ALA B 148 -20.34 19.87 -15.60
C ALA B 148 -19.85 18.52 -15.95
N PRO B 149 -18.87 18.01 -15.19
CA PRO B 149 -18.40 16.63 -15.43
C PRO B 149 -19.51 15.62 -15.16
N VAL B 150 -19.44 14.47 -15.81
CA VAL B 150 -20.53 13.49 -15.81
C VAL B 150 -20.06 12.18 -15.21
N SER B 151 -20.91 11.56 -14.44
CA SER B 151 -20.67 10.26 -13.89
C SER B 151 -21.53 9.26 -14.66
N GLY B 152 -20.90 8.19 -15.14
CA GLY B 152 -21.61 7.19 -15.90
C GLY B 152 -20.64 6.41 -16.76
N ASN B 153 -21.09 6.01 -17.93
CA ASN B 153 -20.26 5.22 -18.82
C ASN B 153 -20.85 5.30 -20.21
N GLN B 154 -20.21 4.66 -21.18
CA GLN B 154 -20.68 4.77 -22.55
C GLN B 154 -22.17 4.42 -22.67
N GLN B 155 -22.56 3.33 -22.02
CA GLN B 155 -23.93 2.87 -22.13
C GLN B 155 -24.92 3.88 -21.56
N LEU B 156 -24.62 4.38 -20.37
CA LEU B 156 -25.49 5.38 -19.76
C LEU B 156 -25.53 6.66 -20.60
N SER B 157 -24.38 7.05 -21.16
CA SER B 157 -24.34 8.20 -22.04
C SER B 157 -25.26 8.01 -23.25
N ASN B 158 -25.19 6.83 -23.85
CA ASN B 158 -26.03 6.53 -25.00
C ASN B 158 -27.49 6.56 -24.60
N ASP B 159 -27.81 6.02 -23.44
CA ASP B 159 -29.20 6.01 -22.94
C ASP B 159 -29.68 7.36 -22.40
N GLY B 160 -28.79 8.34 -22.30
CA GLY B 160 -29.15 9.63 -21.73
C GLY B 160 -29.39 9.58 -20.23
N MET B 161 -28.67 8.71 -19.52
CA MET B 161 -28.93 8.50 -18.10
C MET B 161 -27.74 8.88 -17.22
N LEU B 162 -26.94 9.83 -17.68
CA LEU B 162 -25.78 10.26 -16.88
C LEU B 162 -26.19 11.02 -15.66
N VAL B 163 -25.35 11.02 -14.63
CA VAL B 163 -25.52 11.93 -13.50
C VAL B 163 -24.56 13.09 -13.70
N ILE B 164 -25.11 14.31 -13.73
CA ILE B 164 -24.32 15.51 -14.04
C ILE B 164 -24.00 16.28 -12.77
N LEU B 165 -22.72 16.59 -12.57
CA LEU B 165 -22.24 17.35 -11.43
C LEU B 165 -21.74 18.70 -11.97
N ALA B 166 -22.43 19.78 -11.61
CA ALA B 166 -22.14 21.08 -12.17
C ALA B 166 -21.76 22.05 -11.07
N ALA B 167 -20.95 23.04 -11.44
CA ALA B 167 -20.48 24.10 -10.56
C ALA B 167 -20.06 25.30 -11.41
N GLY B 168 -20.28 26.48 -10.84
CA GLY B 168 -19.91 27.73 -11.49
C GLY B 168 -21.08 28.67 -11.65
N ASP B 169 -21.30 29.11 -12.89
CA ASP B 169 -22.29 30.13 -13.21
C ASP B 169 -23.68 29.51 -13.13
N ARG B 170 -24.40 29.92 -12.11
CA ARG B 170 -25.72 29.36 -11.83
C ARG B 170 -26.73 29.61 -12.95
N GLY B 171 -26.68 30.82 -13.52
CA GLY B 171 -27.58 31.19 -14.60
C GLY B 171 -27.43 30.28 -15.80
N LEU B 172 -26.16 29.99 -16.13
CA LEU B 172 -25.81 29.09 -17.24
C LEU B 172 -26.29 27.67 -16.98
N TYR B 173 -26.21 27.25 -15.73
CA TYR B 173 -26.73 25.95 -15.32
C TYR B 173 -28.18 25.86 -15.67
N GLU B 174 -28.95 26.88 -15.32
CA GLU B 174 -30.37 26.91 -15.58
C GLU B 174 -30.69 27.02 -17.09
N ASP B 175 -29.84 27.72 -17.84
CA ASP B 175 -29.94 27.76 -19.32
C ASP B 175 -29.74 26.38 -19.97
N CYS B 176 -28.94 25.53 -19.34
CA CYS B 176 -28.69 24.17 -19.85
C CYS B 176 -29.74 23.15 -19.47
N SER B 177 -30.81 23.59 -18.83
CA SER B 177 -31.84 22.67 -18.37
C SER B 177 -32.22 21.59 -19.39
N SER B 178 -32.62 22.00 -20.59
CA SER B 178 -33.10 21.04 -21.58
C SER B 178 -31.99 20.12 -22.04
N CYS B 179 -30.77 20.65 -22.12
CA CYS B 179 -29.63 19.82 -22.48
C CYS B 179 -29.32 18.78 -21.43
N PHE B 180 -29.32 19.20 -20.17
CA PHE B 180 -29.02 18.29 -19.09
C PHE B 180 -30.10 17.23 -18.95
N GLN B 181 -31.34 17.62 -19.19
CA GLN B 181 -32.42 16.63 -19.14
C GLN B 181 -32.32 15.66 -20.29
N ALA B 182 -31.84 16.08 -21.47
CA ALA B 182 -31.65 15.16 -22.60
C ALA B 182 -30.54 14.13 -22.33
N MET B 183 -29.40 14.62 -21.85
CA MET B 183 -28.24 13.78 -21.69
C MET B 183 -28.20 13.03 -20.39
N GLY B 184 -29.00 13.49 -19.43
CA GLY B 184 -28.87 13.06 -18.04
C GLY B 184 -30.13 12.52 -17.37
N LYS B 185 -29.88 11.69 -16.37
CA LYS B 185 -30.89 11.13 -15.51
C LYS B 185 -31.22 12.17 -14.45
N THR B 186 -30.20 12.88 -13.99
CA THR B 186 -30.35 13.86 -12.91
C THR B 186 -29.14 14.76 -12.90
N SER B 187 -29.23 15.87 -12.17
CA SER B 187 -28.17 16.85 -12.15
C SER B 187 -28.02 17.47 -10.75
N PHE B 188 -26.79 17.76 -10.34
CA PHE B 188 -26.50 18.41 -9.07
C PHE B 188 -25.75 19.69 -9.34
N PHE B 189 -26.10 20.75 -8.62
CA PHE B 189 -25.36 21.98 -8.68
C PHE B 189 -24.63 22.16 -7.38
N LEU B 190 -23.30 22.24 -7.44
CA LEU B 190 -22.47 22.12 -6.26
C LEU B 190 -21.75 23.39 -5.88
N GLY B 191 -22.15 24.53 -6.46
CA GLY B 191 -21.66 25.84 -6.03
C GLY B 191 -20.57 26.42 -6.89
N GLU B 192 -19.52 26.93 -6.26
CA GLU B 192 -18.45 27.66 -6.93
C GLU B 192 -17.59 26.73 -7.79
N VAL B 193 -17.02 27.30 -8.85
CA VAL B 193 -16.12 26.57 -9.76
C VAL B 193 -15.03 25.89 -8.94
N GLY B 194 -14.80 24.61 -9.24
CA GLY B 194 -13.86 23.77 -8.50
C GLY B 194 -14.56 22.62 -7.79
N ASN B 195 -15.76 22.89 -7.28
CA ASN B 195 -16.47 21.90 -6.46
C ASN B 195 -16.92 20.67 -7.22
N ALA B 196 -17.37 20.82 -8.46
CA ALA B 196 -17.75 19.65 -9.24
C ALA B 196 -16.54 18.77 -9.56
N ALA B 197 -15.40 19.37 -9.89
CA ALA B 197 -14.16 18.61 -10.11
C ALA B 197 -13.83 17.80 -8.88
N LYS B 198 -13.87 18.44 -7.71
CA LYS B 198 -13.48 17.76 -6.47
C LYS B 198 -14.41 16.59 -6.17
N MET B 199 -15.70 16.81 -6.36
CA MET B 199 -16.67 15.76 -6.08
C MET B 199 -16.54 14.59 -7.07
N MET B 200 -16.37 14.92 -8.34
CA MET B 200 -16.25 13.91 -9.37
C MET B 200 -15.02 13.03 -9.10
N LEU B 201 -13.93 13.63 -8.67
CA LEU B 201 -12.73 12.86 -8.38
C LEU B 201 -12.95 11.87 -7.22
N ILE B 202 -13.74 12.28 -6.25
CA ILE B 202 -14.01 11.45 -5.08
C ILE B 202 -14.93 10.28 -5.47
N VAL B 203 -15.98 10.59 -6.21
CA VAL B 203 -16.87 9.57 -6.74
C VAL B 203 -16.07 8.51 -7.53
N ASN B 204 -15.17 8.96 -8.42
CA ASN B 204 -14.42 8.04 -9.26
C ASN B 204 -13.33 7.29 -8.53
N MET B 205 -12.80 7.91 -7.47
CA MET B 205 -11.85 7.26 -6.58
C MET B 205 -12.52 6.03 -5.95
N VAL B 206 -13.74 6.24 -5.46
CA VAL B 206 -14.50 5.18 -4.82
C VAL B 206 -14.78 4.05 -5.81
N GLN B 207 -15.18 4.43 -7.00
CA GLN B 207 -15.48 3.46 -8.03
C GLN B 207 -14.23 2.68 -8.44
N GLY B 208 -13.14 3.40 -8.67
CA GLY B 208 -11.90 2.79 -9.13
C GLY B 208 -11.29 1.86 -8.11
N SER B 209 -11.29 2.30 -6.85
CA SER B 209 -10.83 1.45 -5.74
C SER B 209 -11.67 0.19 -5.58
N PHE B 210 -12.98 0.33 -5.66
CA PHE B 210 -13.86 -0.80 -5.58
C PHE B 210 -13.60 -1.81 -6.68
N MET B 211 -13.39 -1.32 -7.90
CA MET B 211 -13.14 -2.22 -9.00
C MET B 211 -11.86 -3.00 -8.76
N ALA B 212 -10.83 -2.35 -8.22
CA ALA B 212 -9.56 -3.08 -7.87
C ALA B 212 -9.84 -4.19 -6.86
N THR B 213 -10.65 -3.86 -5.85
CA THR B 213 -11.04 -4.81 -4.81
C THR B 213 -11.81 -5.98 -5.41
N ILE B 214 -12.76 -5.72 -6.30
CA ILE B 214 -13.55 -6.78 -6.96
C ILE B 214 -12.66 -7.74 -7.75
N ALA B 215 -11.71 -7.16 -8.48
CA ALA B 215 -10.75 -7.93 -9.26
C ALA B 215 -9.86 -8.76 -8.34
N GLU B 216 -9.49 -8.16 -7.22
CA GLU B 216 -8.69 -8.86 -6.22
C GLU B 216 -9.45 -10.06 -5.68
N GLY B 217 -10.75 -9.87 -5.44
CA GLY B 217 -11.63 -10.92 -4.93
C GLY B 217 -11.86 -12.04 -5.90
N LEU B 218 -12.13 -11.71 -7.16
CA LEU B 218 -12.41 -12.71 -8.17
C LEU B 218 -11.18 -13.56 -8.49
N THR B 219 -10.03 -12.91 -8.57
CA THR B 219 -8.79 -13.64 -8.83
C THR B 219 -8.36 -14.50 -7.66
N LEU B 220 -8.60 -14.04 -6.43
CA LEU B 220 -8.26 -14.86 -5.25
C LEU B 220 -9.13 -16.10 -5.25
N ALA B 221 -10.40 -15.93 -5.61
CA ALA B 221 -11.34 -17.05 -5.68
C ALA B 221 -10.84 -18.07 -6.71
N GLN B 222 -10.45 -17.59 -7.89
CA GLN B 222 -9.94 -18.44 -8.97
C GLN B 222 -8.78 -19.30 -8.47
N VAL B 223 -7.79 -18.62 -7.91
CA VAL B 223 -6.52 -19.22 -7.54
C VAL B 223 -6.66 -20.15 -6.32
N THR B 224 -7.72 -20.01 -5.53
CA THR B 224 -7.89 -20.87 -4.37
C THR B 224 -8.92 -21.95 -4.61
N GLY B 225 -9.23 -22.21 -5.89
CA GLY B 225 -10.14 -23.28 -6.27
C GLY B 225 -11.62 -23.03 -6.03
N GLN B 226 -12.00 -21.79 -5.79
CA GLN B 226 -13.41 -21.43 -5.65
C GLN B 226 -14.02 -20.97 -6.98
N SER B 227 -15.34 -20.98 -7.07
CA SER B 227 -16.03 -20.58 -8.29
C SER B 227 -16.29 -19.08 -8.30
N GLN B 228 -15.77 -18.39 -9.31
CA GLN B 228 -16.02 -16.96 -9.46
C GLN B 228 -17.51 -16.71 -9.58
N GLN B 229 -18.21 -17.55 -10.35
CA GLN B 229 -19.64 -17.41 -10.56
C GLN B 229 -20.39 -17.48 -9.25
N THR B 230 -20.00 -18.44 -8.41
CA THR B 230 -20.66 -18.57 -7.12
C THR B 230 -20.34 -17.43 -6.17
N LEU B 231 -19.14 -16.87 -6.28
CA LEU B 231 -18.78 -15.65 -5.52
C LEU B 231 -19.74 -14.53 -5.90
N LEU B 232 -19.98 -14.37 -7.19
CA LEU B 232 -20.89 -13.32 -7.64
C LEU B 232 -22.30 -13.57 -7.09
N ASP B 233 -22.76 -14.82 -7.18
CA ASP B 233 -24.08 -15.18 -6.71
C ASP B 233 -24.26 -14.84 -5.21
N ILE B 234 -23.24 -15.15 -4.42
CA ILE B 234 -23.26 -14.85 -3.01
C ILE B 234 -23.29 -13.35 -2.79
N LEU B 235 -22.42 -12.63 -3.50
CA LEU B 235 -22.38 -11.17 -3.40
C LEU B 235 -23.73 -10.55 -3.80
N ASN B 236 -24.38 -11.07 -4.83
CA ASN B 236 -25.71 -10.57 -5.22
C ASN B 236 -26.83 -10.86 -4.20
N GLN B 237 -26.64 -11.84 -3.33
CA GLN B 237 -27.56 -12.05 -2.24
C GLN B 237 -27.27 -11.19 -1.02
N GLY B 238 -26.10 -10.55 -0.97
CA GLY B 238 -25.74 -9.76 0.21
C GLY B 238 -26.10 -8.29 0.05
N GLN B 239 -25.71 -7.49 1.05
CA GLN B 239 -26.03 -6.06 1.11
C GLN B 239 -25.20 -5.21 0.15
N LEU B 240 -24.13 -5.79 -0.39
CA LEU B 240 -23.26 -5.09 -1.33
C LEU B 240 -23.74 -5.17 -2.77
N ALA B 241 -24.83 -5.89 -3.00
CA ALA B 241 -25.33 -6.07 -4.37
C ALA B 241 -25.62 -4.70 -5.00
N SER B 242 -25.05 -4.49 -6.19
CA SER B 242 -25.25 -3.26 -6.97
C SER B 242 -25.14 -3.58 -8.46
N ILE B 243 -25.75 -2.74 -9.28
CA ILE B 243 -25.64 -2.89 -10.72
C ILE B 243 -24.17 -2.97 -11.14
N PHE B 244 -23.35 -2.08 -10.56
CA PHE B 244 -21.94 -2.02 -10.89
C PHE B 244 -21.24 -3.34 -10.59
N LEU B 245 -21.41 -3.84 -9.37
CA LEU B 245 -20.76 -5.10 -8.99
C LEU B 245 -21.16 -6.24 -9.93
N ASP B 246 -22.44 -6.35 -10.24
CA ASP B 246 -22.91 -7.44 -11.07
C ASP B 246 -22.35 -7.30 -12.50
N GLN B 247 -22.46 -6.11 -13.05
CA GLN B 247 -22.05 -5.85 -14.42
C GLN B 247 -20.54 -6.06 -14.60
N LYS B 248 -19.72 -5.49 -13.74
CA LYS B 248 -18.27 -5.67 -13.88
C LYS B 248 -17.83 -7.11 -13.63
N CYS B 249 -18.52 -7.83 -12.77
CA CYS B 249 -18.20 -9.24 -12.60
C CYS B 249 -18.55 -10.09 -13.81
N GLN B 250 -19.69 -9.78 -14.43
CA GLN B 250 -20.10 -10.53 -15.59
C GLN B 250 -19.15 -10.28 -16.75
N ASN B 251 -18.66 -9.06 -16.89
CA ASN B 251 -17.58 -8.77 -17.84
C ASN B 251 -16.40 -9.70 -17.63
N ILE B 252 -15.90 -9.73 -16.40
CA ILE B 252 -14.75 -10.53 -16.09
C ILE B 252 -15.03 -12.01 -16.40
N LEU B 253 -16.19 -12.51 -15.97
CA LEU B 253 -16.53 -13.91 -16.19
C LEU B 253 -16.64 -14.25 -17.69
N GLN B 254 -17.12 -13.32 -18.50
CA GLN B 254 -17.23 -13.56 -19.94
C GLN B 254 -15.95 -13.25 -20.70
N GLY B 255 -14.92 -12.76 -20.00
CA GLY B 255 -13.69 -12.32 -20.66
C GLY B 255 -13.89 -11.10 -21.54
N ASN B 256 -14.93 -10.33 -21.27
CA ASN B 256 -15.28 -9.19 -22.10
C ASN B 256 -14.86 -7.85 -21.48
N PHE B 257 -13.81 -7.27 -22.03
CA PHE B 257 -13.24 -6.04 -21.50
C PHE B 257 -13.36 -4.88 -22.49
N LYS B 258 -14.36 -4.95 -23.35
CA LYS B 258 -14.67 -3.87 -24.27
C LYS B 258 -15.00 -2.66 -23.39
N PRO B 259 -14.48 -1.48 -23.74
CA PRO B 259 -14.58 -0.32 -22.86
C PRO B 259 -15.99 0.25 -22.72
N ASP B 260 -16.47 0.32 -21.47
CA ASP B 260 -17.61 1.14 -21.10
C ASP B 260 -17.10 2.41 -20.41
N PHE B 261 -16.02 2.28 -19.66
CA PHE B 261 -15.24 3.42 -19.17
C PHE B 261 -13.75 3.02 -19.24
N TYR B 262 -12.95 3.76 -20.01
CA TYR B 262 -11.55 3.38 -20.24
C TYR B 262 -10.76 3.23 -18.94
N LEU B 263 -9.91 2.23 -18.92
CA LEU B 263 -9.04 2.02 -17.79
C LEU B 263 -8.15 3.24 -17.55
N LYS B 264 -7.59 3.79 -18.62
CA LYS B 264 -6.74 4.97 -18.51
C LYS B 264 -7.46 6.14 -17.87
N TYR B 265 -8.76 6.26 -18.08
CA TYR B 265 -9.51 7.35 -17.47
C TYR B 265 -9.62 7.17 -15.96
N ILE B 266 -9.86 5.93 -15.53
CA ILE B 266 -10.03 5.68 -14.12
C ILE B 266 -8.70 5.87 -13.41
N GLN B 267 -7.58 5.51 -14.04
CA GLN B 267 -6.27 5.69 -13.42
C GLN B 267 -5.92 7.16 -13.31
N LYS B 268 -6.35 7.93 -14.32
CA LYS B 268 -6.17 9.38 -14.28
C LYS B 268 -6.95 9.95 -13.11
N ASP B 269 -8.19 9.50 -12.94
CA ASP B 269 -9.01 10.01 -11.84
C ASP B 269 -8.43 9.62 -10.46
N LEU B 270 -7.90 8.41 -10.34
CA LEU B 270 -7.25 7.99 -9.10
C LEU B 270 -6.03 8.89 -8.85
N ARG B 271 -5.23 9.08 -9.88
CA ARG B 271 -4.06 9.92 -9.75
C ARG B 271 -4.41 11.31 -9.22
N LEU B 272 -5.47 11.87 -9.77
CA LEU B 272 -5.85 13.23 -9.42
C LEU B 272 -6.49 13.28 -8.05
N ALA B 273 -7.26 12.25 -7.68
CA ALA B 273 -7.87 12.18 -6.36
C ALA B 273 -6.79 12.13 -5.30
N ILE B 274 -5.73 11.37 -5.55
CA ILE B 274 -4.58 11.33 -4.65
C ILE B 274 -3.92 12.73 -4.58
N ALA B 275 -3.82 13.41 -5.70
CA ALA B 275 -3.29 14.78 -5.70
C ALA B 275 -4.17 15.75 -4.89
N LEU B 276 -5.47 15.53 -4.91
CA LEU B 276 -6.39 16.37 -4.15
C LEU B 276 -6.15 16.15 -2.66
N GLY B 277 -5.99 14.90 -2.26
CA GLY B 277 -5.67 14.60 -0.87
C GLY B 277 -4.34 15.20 -0.43
N ASP B 278 -3.35 15.10 -1.33
CA ASP B 278 -2.04 15.66 -1.07
C ASP B 278 -2.15 17.12 -0.73
N ALA B 279 -3.00 17.81 -1.50
CA ALA B 279 -3.15 19.24 -1.37
C ALA B 279 -3.73 19.67 -0.02
N VAL B 280 -4.49 18.81 0.64
CA VAL B 280 -5.02 19.08 2.01
C VAL B 280 -4.43 18.15 3.08
N ASN B 281 -3.27 17.55 2.82
CA ASN B 281 -2.58 16.62 3.76
C ASN B 281 -3.43 15.48 4.30
N HIS B 282 -4.23 14.88 3.42
CA HIS B 282 -5.11 13.80 3.81
C HIS B 282 -4.66 12.50 3.13
N PRO B 283 -4.08 11.57 3.89
CA PRO B 283 -3.75 10.28 3.31
C PRO B 283 -4.93 9.55 2.65
N THR B 284 -4.64 8.93 1.51
CA THR B 284 -5.62 8.15 0.74
C THR B 284 -4.96 6.82 0.36
N PRO B 285 -4.68 5.97 1.35
CA PRO B 285 -3.94 4.71 1.10
C PRO B 285 -4.64 3.72 0.21
N MET B 286 -5.96 3.69 0.31
CA MET B 286 -6.78 2.80 -0.47
C MET B 286 -6.63 3.21 -1.94
N ALA B 287 -6.82 4.50 -2.23
CA ALA B 287 -6.59 5.05 -3.56
C ALA B 287 -5.15 4.85 -4.05
N ALA B 288 -4.19 5.05 -3.16
CA ALA B 288 -2.78 4.88 -3.53
C ALA B 288 -2.51 3.45 -3.99
N ALA B 289 -3.03 2.47 -3.24
CA ALA B 289 -2.87 1.07 -3.61
C ALA B 289 -3.58 0.78 -4.93
N ALA B 290 -4.81 1.25 -5.06
CA ALA B 290 -5.58 1.02 -6.31
C ALA B 290 -4.80 1.58 -7.51
N ASN B 291 -4.26 2.77 -7.33
CA ASN B 291 -3.56 3.46 -8.40
C ASN B 291 -2.36 2.63 -8.92
N GLU B 292 -1.61 2.02 -8.00
CA GLU B 292 -0.45 1.23 -8.40
C GLU B 292 -0.86 -0.02 -9.17
N VAL B 293 -1.99 -0.62 -8.81
CA VAL B 293 -2.53 -1.77 -9.54
C VAL B 293 -2.94 -1.35 -10.96
N TYR B 294 -3.58 -0.18 -11.07
CA TYR B 294 -4.00 0.35 -12.38
C TYR B 294 -2.80 0.67 -13.28
N LYS B 295 -1.72 1.19 -12.68
CA LYS B 295 -0.51 1.45 -13.42
C LYS B 295 0.03 0.14 -13.94
N ARG B 296 -0.05 -0.92 -13.15
CA ARG B 296 0.44 -2.20 -13.63
C ARG B 296 -0.41 -2.58 -14.85
N ALA B 297 -1.73 -2.44 -14.73
CA ALA B 297 -2.62 -2.77 -15.84
C ALA B 297 -2.23 -1.99 -17.10
N LYS B 298 -1.90 -0.72 -16.93
CA LYS B 298 -1.45 0.07 -18.08
C LYS B 298 -0.15 -0.48 -18.65
N ALA B 299 0.78 -0.90 -17.80
CA ALA B 299 2.02 -1.53 -18.31
C ALA B 299 1.76 -2.82 -19.08
N LEU B 300 0.63 -3.46 -18.78
CA LEU B 300 0.21 -4.66 -19.47
C LEU B 300 -0.73 -4.35 -20.63
N ASP B 301 -0.64 -3.12 -21.14
CA ASP B 301 -1.40 -2.66 -22.32
C ASP B 301 -2.93 -2.64 -22.21
N GLN B 302 -3.46 -2.36 -21.04
CA GLN B 302 -4.92 -2.35 -20.86
C GLN B 302 -5.55 -0.95 -20.92
N SER B 303 -4.77 0.08 -21.22
CA SER B 303 -5.27 1.47 -21.17
C SER B 303 -6.63 1.71 -21.85
N ASP B 304 -6.81 1.08 -23.00
CA ASP B 304 -7.97 1.32 -23.85
C ASP B 304 -9.05 0.27 -23.71
N ASN B 305 -8.94 -0.62 -22.71
CA ASN B 305 -10.04 -1.54 -22.37
C ASN B 305 -10.85 -0.97 -21.21
N ASP B 306 -11.91 -1.67 -20.83
CA ASP B 306 -12.72 -1.24 -19.71
C ASP B 306 -11.89 -1.22 -18.44
N MET B 307 -12.29 -0.37 -17.51
CA MET B 307 -11.64 -0.28 -16.21
C MET B 307 -11.59 -1.65 -15.53
N SER B 308 -12.53 -2.52 -15.86
CA SER B 308 -12.54 -3.86 -15.30
C SER B 308 -11.33 -4.69 -15.73
N ALA B 309 -10.62 -4.24 -16.76
CA ALA B 309 -9.42 -4.94 -17.23
C ALA B 309 -8.30 -4.86 -16.22
N VAL B 310 -8.50 -4.16 -15.10
CA VAL B 310 -7.54 -4.18 -14.01
C VAL B 310 -7.36 -5.62 -13.51
N TYR B 311 -8.38 -6.45 -13.73
CA TYR B 311 -8.31 -7.89 -13.52
C TYR B 311 -7.01 -8.51 -14.04
N ARG B 312 -6.54 -8.02 -15.18
CA ARG B 312 -5.33 -8.53 -15.77
C ARG B 312 -4.07 -8.13 -15.03
N ALA B 313 -4.16 -7.17 -14.12
CA ALA B 313 -3.02 -6.87 -13.23
C ALA B 313 -2.83 -7.94 -12.16
N TYR B 314 -3.87 -8.75 -11.92
CA TYR B 314 -3.84 -9.79 -10.89
C TYR B 314 -3.51 -11.17 -11.40
N ILE B 315 -3.81 -11.42 -12.67
CA ILE B 315 -3.54 -12.71 -13.30
C ILE B 315 -2.09 -13.17 -13.14
N HIS B 316 -1.93 -14.43 -12.72
CA HIS B 316 -0.61 -15.09 -12.59
C HIS B 316 0.00 -15.45 -13.95
N SER C 25 42.13 -16.27 20.13
CA SER C 25 42.05 -17.75 19.89
C SER C 25 41.35 -18.47 21.06
N ILE C 26 40.01 -18.45 21.07
CA ILE C 26 39.29 -19.09 22.18
C ILE C 26 39.38 -20.62 22.07
N THR C 27 39.56 -21.28 23.21
CA THR C 27 39.62 -22.75 23.22
C THR C 27 38.20 -23.37 23.23
N PRO C 28 37.97 -24.40 22.38
CA PRO C 28 36.63 -24.93 22.17
C PRO C 28 36.10 -25.74 23.34
N THR C 29 34.78 -25.67 23.54
CA THR C 29 34.10 -26.38 24.64
C THR C 29 34.30 -27.89 24.56
N ASP C 30 34.37 -28.53 25.73
CA ASP C 30 34.40 -30.01 25.85
C ASP C 30 33.13 -30.64 25.34
N LYS C 31 32.05 -29.89 25.44
CA LYS C 31 30.73 -30.43 25.22
C LYS C 31 30.53 -30.97 23.80
N LYS C 32 29.86 -32.11 23.72
CA LYS C 32 29.48 -32.72 22.45
C LYS C 32 28.39 -31.88 21.82
N ILE C 33 28.64 -31.33 20.63
CA ILE C 33 27.68 -30.46 19.95
C ILE C 33 26.94 -31.24 18.89
N GLY C 34 25.62 -31.04 18.81
CA GLY C 34 24.81 -31.55 17.72
C GLY C 34 24.30 -30.42 16.84
N PHE C 35 24.10 -30.70 15.56
CA PHE C 35 23.58 -29.69 14.64
C PHE C 35 22.58 -30.28 13.65
N LEU C 36 21.39 -29.69 13.63
CA LEU C 36 20.28 -30.17 12.83
C LEU C 36 19.92 -29.12 11.78
N GLY C 37 19.93 -29.52 10.51
CA GLY C 37 19.59 -28.61 9.40
C GLY C 37 20.85 -28.00 8.77
N LEU C 38 21.33 -28.63 7.68
CA LEU C 38 22.54 -28.17 7.02
C LEU C 38 22.17 -27.38 5.81
N GLY C 39 21.37 -26.35 6.02
CA GLY C 39 20.93 -25.48 4.95
C GLY C 39 21.90 -24.37 4.56
N LEU C 40 21.35 -23.32 3.99
CA LEU C 40 22.10 -22.15 3.53
C LEU C 40 22.91 -21.57 4.66
N MET C 41 22.27 -21.38 5.81
CA MET C 41 22.98 -20.87 7.00
C MET C 41 23.70 -21.97 7.77
N GLY C 42 23.01 -23.10 8.00
CA GLY C 42 23.52 -24.14 8.89
C GLY C 42 24.86 -24.64 8.43
N SER C 43 24.96 -24.83 7.12
CA SER C 43 26.15 -25.37 6.49
C SER C 43 27.43 -24.60 6.89
N GLY C 44 27.38 -23.29 6.81
CA GLY C 44 28.53 -22.44 7.17
C GLY C 44 28.84 -22.47 8.65
N ILE C 45 27.79 -22.52 9.45
CA ILE C 45 27.94 -22.58 10.89
C ILE C 45 28.69 -23.84 11.26
N VAL C 46 28.28 -24.97 10.70
CA VAL C 46 28.93 -26.24 11.02
C VAL C 46 30.40 -26.24 10.61
N SER C 47 30.67 -25.75 9.42
CA SER C 47 32.05 -25.64 8.97
C SER C 47 32.93 -24.92 9.95
N ASN C 48 32.44 -23.78 10.38
CA ASN C 48 33.20 -22.96 11.30
C ASN C 48 33.30 -23.63 12.66
N LEU C 49 32.26 -24.31 13.10
CA LEU C 49 32.35 -25.05 14.36
C LEU C 49 33.45 -26.13 14.30
N LEU C 50 33.52 -26.85 13.19
CA LEU C 50 34.57 -27.85 12.97
C LEU C 50 35.97 -27.23 12.83
N LYS C 51 36.08 -26.17 12.04
CA LYS C 51 37.34 -25.44 11.92
C LYS C 51 37.91 -25.08 13.29
N MET C 52 37.06 -24.65 14.19
CA MET C 52 37.52 -24.15 15.48
C MET C 52 37.61 -25.23 16.53
N GLY C 53 37.49 -26.48 16.12
CA GLY C 53 37.87 -27.61 16.96
C GLY C 53 36.77 -28.28 17.77
N HIS C 54 35.51 -28.04 17.42
CA HIS C 54 34.40 -28.63 18.18
C HIS C 54 34.13 -30.05 17.72
N THR C 55 33.63 -30.87 18.64
CA THR C 55 33.09 -32.19 18.32
C THR C 55 31.62 -32.05 17.92
N VAL C 56 31.30 -32.38 16.67
CA VAL C 56 29.97 -32.09 16.14
C VAL C 56 29.31 -33.31 15.49
N THR C 57 28.06 -33.55 15.82
CA THR C 57 27.24 -34.55 15.16
C THR C 57 26.19 -33.82 14.34
N VAL C 58 26.11 -34.15 13.05
CA VAL C 58 25.24 -33.43 12.12
C VAL C 58 24.12 -34.34 11.64
N TRP C 59 22.99 -33.73 11.33
CA TRP C 59 21.85 -34.41 10.75
C TRP C 59 21.15 -33.46 9.83
N ASN C 60 20.57 -34.02 8.78
CA ASN C 60 19.78 -33.24 7.86
C ASN C 60 18.72 -34.14 7.24
N ARG C 61 17.52 -33.60 7.03
CA ARG C 61 16.43 -34.37 6.47
C ARG C 61 16.85 -35.17 5.23
N THR C 62 17.60 -34.51 4.34
CA THR C 62 18.33 -35.16 3.23
C THR C 62 19.71 -35.58 3.69
N ALA C 63 19.95 -36.89 3.72
CA ALA C 63 21.21 -37.43 4.25
C ALA C 63 22.44 -36.95 3.48
N GLU C 64 22.29 -36.80 2.15
CA GLU C 64 23.41 -36.49 1.23
C GLU C 64 24.15 -35.22 1.60
N LYS C 65 23.44 -34.23 2.14
CA LYS C 65 24.05 -32.95 2.50
C LYS C 65 25.07 -33.07 3.64
N CYS C 66 25.04 -34.16 4.40
CA CYS C 66 26.00 -34.37 5.47
C CYS C 66 27.39 -34.79 5.03
N ASP C 67 27.50 -35.32 3.81
CA ASP C 67 28.75 -35.94 3.34
C ASP C 67 29.98 -35.01 3.48
N LEU C 68 29.85 -33.75 3.13
CA LEU C 68 30.99 -32.83 3.12
C LEU C 68 31.53 -32.53 4.52
N PHE C 69 30.66 -32.63 5.51
CA PHE C 69 31.01 -32.32 6.89
C PHE C 69 31.59 -33.56 7.57
N ILE C 70 31.07 -34.72 7.21
CA ILE C 70 31.66 -35.99 7.63
C ILE C 70 33.13 -36.01 7.22
N GLN C 71 33.40 -35.50 6.03
CA GLN C 71 34.75 -35.36 5.53
C GLN C 71 35.58 -34.37 6.36
N GLU C 72 34.97 -33.28 6.82
CA GLU C 72 35.67 -32.30 7.68
C GLU C 72 35.73 -32.76 9.14
N GLY C 73 35.24 -33.95 9.46
CA GLY C 73 35.36 -34.52 10.80
C GLY C 73 34.11 -34.61 11.66
N ALA C 74 32.92 -34.39 11.10
CA ALA C 74 31.67 -34.48 11.86
C ALA C 74 31.25 -35.93 11.96
N ARG C 75 30.50 -36.25 13.01
CA ARG C 75 29.86 -37.55 13.16
C ARG C 75 28.50 -37.44 12.49
N LEU C 76 28.03 -38.52 11.89
CA LEU C 76 26.73 -38.52 11.23
C LEU C 76 25.66 -39.07 12.16
N GLY C 77 24.67 -38.24 12.47
CA GLY C 77 23.58 -38.64 13.33
C GLY C 77 22.45 -39.23 12.52
N ARG C 78 21.76 -40.21 13.09
CA ARG C 78 20.71 -40.93 12.35
C ARG C 78 19.35 -40.21 12.44
N THR C 79 18.99 -39.64 13.59
CA THR C 79 17.77 -38.85 13.72
C THR C 79 17.98 -37.71 14.68
N PRO C 80 17.10 -36.70 14.63
CA PRO C 80 17.19 -35.63 15.63
C PRO C 80 17.20 -36.12 17.07
N ALA C 81 16.29 -37.06 17.36
CA ALA C 81 16.17 -37.63 18.68
C ALA C 81 17.51 -38.19 19.15
N GLU C 82 18.14 -38.96 18.30
CA GLU C 82 19.42 -39.58 18.63
C GLU C 82 20.57 -38.56 18.76
N VAL C 83 20.54 -37.52 17.93
CA VAL C 83 21.56 -36.48 18.04
C VAL C 83 21.42 -35.82 19.39
N VAL C 84 20.20 -35.43 19.76
CA VAL C 84 19.97 -34.78 21.04
C VAL C 84 20.36 -35.70 22.19
N SER C 85 20.02 -36.97 22.06
CA SER C 85 20.31 -37.95 23.07
C SER C 85 21.82 -38.09 23.28
N THR C 86 22.57 -38.05 22.19
CA THR C 86 24.03 -38.16 22.23
C THR C 86 24.80 -36.91 22.64
N CYS C 87 24.24 -35.73 22.41
CA CYS C 87 24.99 -34.48 22.56
C CYS C 87 24.54 -33.67 23.75
N ASP C 88 25.38 -32.73 24.15
CA ASP C 88 25.11 -31.90 25.33
C ASP C 88 24.36 -30.66 24.93
N ILE C 89 24.79 -30.02 23.84
CA ILE C 89 24.07 -28.88 23.26
C ILE C 89 23.75 -29.19 21.80
N THR C 90 22.50 -29.06 21.41
CA THR C 90 22.09 -29.29 20.02
C THR C 90 21.53 -27.98 19.41
N PHE C 91 22.12 -27.54 18.30
CA PHE C 91 21.63 -26.40 17.54
C PHE C 91 20.74 -26.86 16.40
N ALA C 92 19.67 -26.11 16.14
CA ALA C 92 18.82 -26.38 14.98
C ALA C 92 18.65 -25.13 14.16
N CYS C 93 18.72 -25.30 12.85
CA CYS C 93 18.60 -24.18 11.95
C CYS C 93 17.82 -24.58 10.73
N VAL C 94 16.49 -24.47 10.84
CA VAL C 94 15.57 -24.81 9.74
C VAL C 94 14.77 -23.58 9.24
N SER C 95 13.95 -23.77 8.23
CA SER C 95 13.40 -22.64 7.48
C SER C 95 12.25 -21.88 8.16
N ASP C 96 11.19 -22.60 8.51
CA ASP C 96 9.90 -22.04 8.90
C ASP C 96 9.62 -22.28 10.36
N PRO C 97 8.59 -21.62 10.90
CA PRO C 97 7.90 -22.13 12.08
C PRO C 97 7.37 -23.55 11.91
N LYS C 98 6.68 -23.85 10.81
CA LYS C 98 6.19 -25.22 10.55
C LYS C 98 7.34 -26.25 10.62
N ALA C 99 8.49 -25.93 10.02
CA ALA C 99 9.63 -26.82 10.06
C ALA C 99 10.23 -26.91 11.45
N ALA C 100 10.34 -25.79 12.14
CA ALA C 100 10.88 -25.79 13.51
C ALA C 100 10.01 -26.63 14.42
N LYS C 101 8.70 -26.46 14.33
CA LYS C 101 7.76 -27.26 15.14
C LYS C 101 7.87 -28.74 14.79
N ASP C 102 7.92 -29.07 13.50
CA ASP C 102 7.98 -30.47 13.08
C ASP C 102 9.29 -31.15 13.51
N LEU C 103 10.37 -30.41 13.44
CA LEU C 103 11.64 -30.93 13.87
C LEU C 103 11.60 -31.31 15.36
N VAL C 104 10.88 -30.53 16.16
CA VAL C 104 10.81 -30.80 17.60
C VAL C 104 9.77 -31.88 17.93
N LEU C 105 8.57 -31.75 17.33
CA LEU C 105 7.41 -32.54 17.76
C LEU C 105 7.08 -33.75 16.92
N GLY C 106 7.71 -33.89 15.76
CA GLY C 106 7.47 -35.03 14.86
C GLY C 106 8.13 -36.30 15.33
N PRO C 107 7.91 -37.41 14.60
CA PRO C 107 8.50 -38.70 15.01
C PRO C 107 10.02 -38.66 14.93
N SER C 108 10.67 -39.26 15.91
CA SER C 108 12.13 -39.15 16.05
C SER C 108 12.62 -37.71 16.17
N GLY C 109 11.75 -36.82 16.61
CA GLY C 109 12.10 -35.42 16.73
C GLY C 109 12.89 -35.11 17.98
N VAL C 110 13.25 -33.84 18.10
CA VAL C 110 14.07 -33.36 19.22
C VAL C 110 13.46 -33.73 20.56
N LEU C 111 12.16 -33.54 20.71
CA LEU C 111 11.53 -33.73 22.00
C LEU C 111 11.75 -35.13 22.53
N GLN C 112 11.68 -36.11 21.64
CA GLN C 112 11.89 -37.51 22.02
C GLN C 112 13.30 -37.78 22.58
N GLY C 113 14.25 -36.90 22.32
CA GLY C 113 15.62 -37.08 22.82
C GLY C 113 15.94 -36.28 24.07
N ILE C 114 15.03 -35.40 24.47
CA ILE C 114 15.28 -34.49 25.58
C ILE C 114 15.11 -35.21 26.91
N ARG C 115 16.04 -34.97 27.82
CA ARG C 115 15.95 -35.40 29.21
C ARG C 115 16.75 -34.41 30.06
N PRO C 116 16.63 -34.44 31.39
CA PRO C 116 17.41 -33.44 32.13
C PRO C 116 18.87 -33.48 31.76
N GLY C 117 19.42 -32.31 31.46
CA GLY C 117 20.79 -32.22 30.96
C GLY C 117 20.85 -31.66 29.55
N LYS C 118 19.89 -32.04 28.72
CA LYS C 118 20.00 -31.71 27.30
C LYS C 118 19.59 -30.26 27.08
N CYS C 119 20.31 -29.63 26.15
CA CYS C 119 20.12 -28.23 25.78
C CYS C 119 19.86 -28.14 24.30
N TYR C 120 18.90 -27.29 23.96
CA TYR C 120 18.51 -27.07 22.59
C TYR C 120 18.59 -25.59 22.30
N VAL C 121 19.24 -25.23 21.21
CA VAL C 121 19.39 -23.83 20.79
C VAL C 121 18.75 -23.73 19.40
N ASP C 122 17.59 -23.08 19.29
CA ASP C 122 16.93 -22.95 17.99
C ASP C 122 17.37 -21.68 17.30
N MET C 123 18.00 -21.84 16.14
CA MET C 123 18.51 -20.72 15.35
C MET C 123 17.61 -20.37 14.17
N SER C 124 16.50 -21.06 14.01
CA SER C 124 15.55 -20.74 12.95
C SER C 124 14.93 -19.37 13.21
N THR C 125 14.53 -18.65 12.18
CA THR C 125 13.77 -17.41 12.38
C THR C 125 12.28 -17.71 12.37
N VAL C 126 11.67 -17.65 13.54
CA VAL C 126 10.26 -17.94 13.67
C VAL C 126 9.59 -16.83 14.46
N ASP C 127 8.28 -16.92 14.63
CA ASP C 127 7.57 -15.95 15.45
C ASP C 127 7.73 -16.25 16.93
N ALA C 128 7.41 -15.28 17.76
CA ALA C 128 7.60 -15.42 19.22
C ALA C 128 6.70 -16.50 19.84
N ASP C 129 5.50 -16.72 19.27
CA ASP C 129 4.60 -17.76 19.79
C ASP C 129 5.18 -19.16 19.55
N THR C 130 5.79 -19.35 18.41
CA THR C 130 6.42 -20.61 18.09
C THR C 130 7.56 -20.88 19.05
N VAL C 131 8.42 -19.89 19.26
CA VAL C 131 9.56 -20.06 20.15
C VAL C 131 9.09 -20.28 21.61
N THR C 132 8.01 -19.63 22.00
CA THR C 132 7.47 -19.80 23.34
C THR C 132 6.91 -21.20 23.56
N GLU C 133 6.18 -21.69 22.56
CA GLU C 133 5.57 -23.02 22.62
C GLU C 133 6.65 -24.08 22.65
N LEU C 134 7.63 -23.95 21.76
CA LEU C 134 8.73 -24.90 21.72
C LEU C 134 9.56 -24.90 23.01
N ALA C 135 9.84 -23.73 23.57
CA ALA C 135 10.62 -23.66 24.81
C ALA C 135 9.86 -24.35 25.95
N GLN C 136 8.54 -24.21 25.94
CA GLN C 136 7.73 -24.75 27.00
C GLN C 136 7.75 -26.27 27.02
N VAL C 137 7.58 -26.90 25.86
CA VAL C 137 7.57 -28.37 25.81
C VAL C 137 8.94 -28.93 26.16
N ILE C 138 9.98 -28.26 25.69
CA ILE C 138 11.36 -28.69 25.96
C ILE C 138 11.70 -28.59 27.43
N VAL C 139 11.37 -27.45 28.05
CA VAL C 139 11.58 -27.29 29.47
C VAL C 139 10.73 -28.30 30.26
N SER C 140 9.52 -28.59 29.78
CA SER C 140 8.63 -29.50 30.48
C SER C 140 9.23 -30.88 30.60
N ARG C 141 10.16 -31.23 29.73
CA ARG C 141 10.81 -32.54 29.79
C ARG C 141 12.21 -32.46 30.32
N GLY C 142 12.51 -31.41 31.06
CA GLY C 142 13.80 -31.28 31.73
C GLY C 142 14.90 -30.67 30.87
N GLY C 143 14.56 -30.22 29.67
CA GLY C 143 15.55 -29.59 28.81
C GLY C 143 15.78 -28.13 29.14
N ARG C 144 16.86 -27.58 28.57
CA ARG C 144 17.12 -26.16 28.59
C ARG C 144 17.05 -25.60 27.19
N PHE C 145 16.59 -24.36 27.06
CA PHE C 145 16.28 -23.81 25.74
C PHE C 145 16.81 -22.42 25.57
N LEU C 146 17.45 -22.16 24.44
CA LEU C 146 17.90 -20.83 24.03
C LEU C 146 17.46 -20.64 22.59
N GLU C 147 16.93 -19.47 22.26
CA GLU C 147 16.73 -19.13 20.85
C GLU C 147 17.93 -18.27 20.46
N ALA C 148 18.50 -18.54 19.30
CA ALA C 148 19.65 -17.78 18.80
C ALA C 148 19.58 -17.64 17.30
N PRO C 149 18.54 -16.96 16.80
CA PRO C 149 18.48 -16.64 15.38
C PRO C 149 19.67 -15.78 14.98
N VAL C 150 20.00 -15.86 13.70
CA VAL C 150 21.19 -15.23 13.16
C VAL C 150 20.85 -14.24 12.06
N SER C 151 21.59 -13.15 12.00
CA SER C 151 21.45 -12.15 10.97
C SER C 151 22.68 -12.22 10.11
N GLY C 152 22.50 -12.36 8.80
CA GLY C 152 23.60 -12.50 7.86
C GLY C 152 23.14 -13.12 6.55
N ASN C 153 23.98 -13.92 5.93
CA ASN C 153 23.65 -14.56 4.68
C ASN C 153 24.65 -15.69 4.46
N GLN C 154 24.50 -16.44 3.37
CA GLN C 154 25.34 -17.61 3.18
C GLN C 154 26.82 -17.24 3.34
N GLN C 155 27.23 -16.16 2.68
CA GLN C 155 28.64 -15.79 2.64
C GLN C 155 29.15 -15.49 4.04
N LEU C 156 28.39 -14.69 4.80
CA LEU C 156 28.78 -14.36 6.16
C LEU C 156 28.81 -15.61 7.03
N SER C 157 27.82 -16.50 6.84
CA SER C 157 27.81 -17.78 7.54
C SER C 157 29.08 -18.57 7.23
N ASN C 158 29.46 -18.63 5.96
CA ASN C 158 30.67 -19.34 5.58
C ASN C 158 31.90 -18.71 6.23
N ASP C 159 31.94 -17.38 6.23
CA ASP C 159 33.05 -16.63 6.82
C ASP C 159 33.02 -16.62 8.34
N GLY C 160 31.98 -17.17 8.96
CA GLY C 160 31.86 -17.14 10.40
C GLY C 160 31.63 -15.74 10.96
N MET C 161 30.94 -14.89 10.21
CA MET C 161 30.77 -13.50 10.60
C MET C 161 29.32 -13.12 10.84
N LEU C 162 28.50 -14.08 11.29
CA LEU C 162 27.10 -13.80 11.57
C LEU C 162 26.94 -12.93 12.82
N VAL C 163 25.83 -12.19 12.87
CA VAL C 163 25.42 -11.51 14.08
C VAL C 163 24.35 -12.37 14.75
N ILE C 164 24.61 -12.78 15.99
CA ILE C 164 23.74 -13.72 16.71
C ILE C 164 22.87 -12.97 17.70
N LEU C 165 21.56 -13.22 17.64
CA LEU C 165 20.61 -12.64 18.59
C LEU C 165 20.00 -13.75 19.45
N ALA C 166 20.30 -13.73 20.74
CA ALA C 166 19.98 -14.82 21.65
C ALA C 166 19.05 -14.35 22.74
N ALA C 167 18.24 -15.27 23.22
CA ALA C 167 17.33 -15.01 24.32
C ALA C 167 16.97 -16.34 24.95
N GLY C 168 16.72 -16.30 26.26
CA GLY C 168 16.29 -17.48 26.99
C GLY C 168 17.21 -17.78 28.15
N ASP C 169 17.70 -19.01 28.19
CA ASP C 169 18.53 -19.49 29.30
C ASP C 169 19.92 -18.86 29.23
N ARG C 170 20.19 -17.97 30.17
CA ARG C 170 21.44 -17.22 30.18
C ARG C 170 22.66 -18.12 30.36
N GLY C 171 22.54 -19.14 31.20
CA GLY C 171 23.64 -20.07 31.43
C GLY C 171 24.05 -20.77 30.16
N LEU C 172 23.05 -21.19 29.40
CA LEU C 172 23.26 -21.88 28.15
C LEU C 172 23.96 -20.97 27.14
N TYR C 173 23.57 -19.70 27.13
CA TYR C 173 24.21 -18.70 26.28
C TYR C 173 25.68 -18.64 26.56
N GLU C 174 26.04 -18.62 27.85
CA GLU C 174 27.44 -18.60 28.25
C GLU C 174 28.17 -19.90 27.89
N ASP C 175 27.50 -21.05 27.99
CA ASP C 175 28.09 -22.33 27.53
C ASP C 175 28.39 -22.37 26.04
N CYS C 176 27.60 -21.66 25.25
CA CYS C 176 27.79 -21.62 23.79
C CYS C 176 28.84 -20.61 23.36
N SER C 177 29.56 -20.04 24.31
CA SER C 177 30.57 -19.02 23.98
C SER C 177 31.47 -19.38 22.78
N SER C 178 32.17 -20.52 22.86
CA SER C 178 33.11 -20.92 21.79
C SER C 178 32.39 -21.15 20.46
N CYS C 179 31.19 -21.70 20.54
CA CYS C 179 30.37 -21.92 19.36
C CYS C 179 30.00 -20.61 18.68
N PHE C 180 29.50 -19.67 19.49
CA PHE C 180 29.08 -18.38 18.96
C PHE C 180 30.25 -17.61 18.42
N GLN C 181 31.41 -17.75 19.07
CA GLN C 181 32.64 -17.12 18.56
C GLN C 181 33.12 -17.73 17.25
N ALA C 182 32.95 -19.03 17.06
CA ALA C 182 33.32 -19.69 15.80
C ALA C 182 32.42 -19.24 14.65
N MET C 183 31.10 -19.25 14.90
CA MET C 183 30.14 -18.98 13.84
C MET C 183 29.91 -17.51 13.62
N GLY C 184 30.29 -16.70 14.59
CA GLY C 184 29.82 -15.32 14.63
C GLY C 184 30.86 -14.23 14.75
N LYS C 185 30.44 -13.07 14.31
CA LYS C 185 31.17 -11.81 14.44
C LYS C 185 30.95 -11.25 15.84
N THR C 186 29.72 -11.35 16.29
CA THR C 186 29.31 -10.80 17.57
C THR C 186 28.00 -11.42 17.97
N SER C 187 27.61 -11.20 19.22
CA SER C 187 26.43 -11.85 19.78
C SER C 187 25.71 -10.90 20.73
N PHE C 188 24.38 -10.92 20.71
CA PHE C 188 23.57 -10.10 21.63
C PHE C 188 22.66 -11.01 22.46
N PHE C 189 22.60 -10.75 23.76
CA PHE C 189 21.66 -11.47 24.61
C PHE C 189 20.52 -10.54 24.99
N LEU C 190 19.30 -10.91 24.62
CA LEU C 190 18.18 -9.97 24.62
C LEU C 190 17.13 -10.29 25.66
N GLY C 191 17.45 -11.21 26.58
CA GLY C 191 16.60 -11.47 27.76
C GLY C 191 15.74 -12.70 27.62
N GLU C 192 14.47 -12.55 27.97
CA GLU C 192 13.57 -13.70 28.04
C GLU C 192 13.22 -14.25 26.65
N VAL C 193 12.90 -15.54 26.59
CA VAL C 193 12.49 -16.22 25.37
C VAL C 193 11.38 -15.44 24.72
N GLY C 194 11.52 -15.24 23.40
CA GLY C 194 10.58 -14.44 22.63
C GLY C 194 11.23 -13.18 22.06
N ASN C 195 12.11 -12.58 22.84
CA ASN C 195 12.73 -11.31 22.46
C ASN C 195 13.65 -11.39 21.26
N ALA C 196 14.45 -12.45 21.14
CA ALA C 196 15.30 -12.60 19.96
C ALA C 196 14.46 -12.75 18.68
N ALA C 197 13.36 -13.51 18.75
CA ALA C 197 12.47 -13.65 17.60
C ALA C 197 11.94 -12.27 17.18
N LYS C 198 11.50 -11.48 18.15
CA LYS C 198 10.89 -10.19 17.88
C LYS C 198 11.88 -9.22 17.26
N MET C 199 13.08 -9.22 17.78
CA MET C 199 14.09 -8.34 17.20
C MET C 199 14.50 -8.81 15.81
N MET C 200 14.70 -10.10 15.63
CA MET C 200 15.14 -10.62 14.32
C MET C 200 14.14 -10.28 13.24
N LEU C 201 12.85 -10.40 13.58
CA LEU C 201 11.79 -10.05 12.64
C LEU C 201 11.84 -8.56 12.24
N ILE C 202 12.18 -7.69 13.18
CA ILE C 202 12.26 -6.26 12.89
C ILE C 202 13.47 -5.95 12.02
N VAL C 203 14.60 -6.52 12.38
CA VAL C 203 15.81 -6.37 11.57
C VAL C 203 15.54 -6.82 10.14
N ASN C 204 14.91 -7.98 9.96
CA ASN C 204 14.66 -8.48 8.61
C ASN C 204 13.57 -7.73 7.87
N MET C 205 12.64 -7.14 8.60
CA MET C 205 11.62 -6.31 8.00
C MET C 205 12.27 -5.10 7.34
N VAL C 206 13.21 -4.48 8.06
CA VAL C 206 13.93 -3.31 7.57
C VAL C 206 14.72 -3.68 6.32
N GLN C 207 15.42 -4.81 6.40
CA GLN C 207 16.23 -5.29 5.28
C GLN C 207 15.36 -5.57 4.06
N GLY C 208 14.28 -6.34 4.27
CA GLY C 208 13.39 -6.73 3.19
C GLY C 208 12.69 -5.56 2.53
N SER C 209 12.25 -4.59 3.34
CA SER C 209 11.61 -3.37 2.80
C SER C 209 12.58 -2.55 2.01
N PHE C 210 13.78 -2.37 2.55
CA PHE C 210 14.81 -1.62 1.84
C PHE C 210 15.12 -2.28 0.51
N MET C 211 15.18 -3.61 0.47
CA MET C 211 15.47 -4.30 -0.80
C MET C 211 14.41 -4.01 -1.85
N ALA C 212 13.15 -3.96 -1.41
CA ALA C 212 12.04 -3.62 -2.31
C ALA C 212 12.20 -2.21 -2.86
N THR C 213 12.62 -1.30 -2.00
CA THR C 213 12.84 0.11 -2.37
C THR C 213 14.00 0.25 -3.36
N ILE C 214 15.08 -0.48 -3.12
CA ILE C 214 16.23 -0.47 -4.02
C ILE C 214 15.83 -0.97 -5.41
N ALA C 215 15.06 -2.05 -5.46
CA ALA C 215 14.64 -2.64 -6.73
C ALA C 215 13.71 -1.68 -7.44
N GLU C 216 12.88 -0.99 -6.68
CA GLU C 216 11.94 0.01 -7.24
C GLU C 216 12.74 1.15 -7.85
N GLY C 217 13.80 1.55 -7.16
CA GLY C 217 14.67 2.63 -7.64
C GLY C 217 15.44 2.27 -8.89
N LEU C 218 16.02 1.08 -8.93
CA LEU C 218 16.81 0.65 -10.08
C LEU C 218 15.94 0.48 -11.30
N THR C 219 14.77 -0.13 -11.13
CA THR C 219 13.87 -0.32 -12.28
C THR C 219 13.25 0.99 -12.75
N LEU C 220 13.00 1.93 -11.85
CA LEU C 220 12.54 3.26 -12.27
C LEU C 220 13.61 3.94 -13.09
N ALA C 221 14.87 3.79 -12.68
CA ALA C 221 15.99 4.37 -13.44
C ALA C 221 16.02 3.81 -14.83
N GLN C 222 15.93 2.49 -14.92
CA GLN C 222 15.98 1.79 -16.19
C GLN C 222 14.95 2.33 -17.13
N VAL C 223 13.72 2.38 -16.65
CA VAL C 223 12.57 2.68 -17.46
C VAL C 223 12.48 4.14 -17.84
N THR C 224 13.20 5.01 -17.15
CA THR C 224 13.18 6.43 -17.46
C THR C 224 14.46 6.86 -18.21
N GLY C 225 15.19 5.89 -18.73
CA GLY C 225 16.37 6.15 -19.53
C GLY C 225 17.62 6.56 -18.75
N GLN C 226 17.63 6.37 -17.45
CA GLN C 226 18.79 6.67 -16.63
C GLN C 226 19.67 5.41 -16.48
N SER C 227 20.94 5.60 -16.11
CA SER C 227 21.84 4.48 -15.95
C SER C 227 21.77 3.95 -14.53
N GLN C 228 21.53 2.65 -14.41
CA GLN C 228 21.48 1.99 -13.12
C GLN C 228 22.84 2.05 -12.45
N GLN C 229 23.88 1.87 -13.25
CA GLN C 229 25.24 1.94 -12.71
C GLN C 229 25.50 3.30 -12.10
N THR C 230 25.10 4.37 -12.79
CA THR C 230 25.32 5.71 -12.28
C THR C 230 24.49 5.97 -11.01
N LEU C 231 23.28 5.42 -10.95
CA LEU C 231 22.47 5.52 -9.73
C LEU C 231 23.25 4.93 -8.56
N LEU C 232 23.83 3.76 -8.78
CA LEU C 232 24.61 3.12 -7.72
C LEU C 232 25.83 3.99 -7.33
N ASP C 233 26.54 4.55 -8.32
CA ASP C 233 27.68 5.40 -8.05
C ASP C 233 27.28 6.59 -7.16
N ILE C 234 26.15 7.20 -7.49
CA ILE C 234 25.66 8.34 -6.74
C ILE C 234 25.34 7.92 -5.33
N LEU C 235 24.58 6.84 -5.20
CA LEU C 235 24.21 6.33 -3.89
C LEU C 235 25.45 6.01 -3.03
N ASN C 236 26.49 5.44 -3.64
CA ASN C 236 27.75 5.17 -2.92
C ASN C 236 28.49 6.41 -2.46
N GLN C 237 28.27 7.54 -3.13
CA GLN C 237 28.83 8.80 -2.67
C GLN C 237 27.99 9.47 -1.59
N GLY C 238 26.78 9.00 -1.36
CA GLY C 238 25.90 9.61 -0.37
C GLY C 238 25.99 8.95 0.98
N GLN C 239 25.15 9.44 1.90
CA GLN C 239 25.10 8.97 3.27
C GLN C 239 24.52 7.57 3.41
N LEU C 240 23.78 7.12 2.40
CA LEU C 240 23.11 5.82 2.42
C LEU C 240 24.03 4.66 2.04
N ALA C 241 25.25 4.97 1.67
CA ALA C 241 26.20 3.96 1.23
C ALA C 241 26.34 2.87 2.30
N SER C 242 26.15 1.61 1.91
CA SER C 242 26.37 0.44 2.78
C SER C 242 26.82 -0.77 1.96
N ILE C 243 27.44 -1.73 2.64
CA ILE C 243 27.82 -2.98 1.98
C ILE C 243 26.59 -3.62 1.31
N PHE C 244 25.48 -3.62 2.02
CA PHE C 244 24.25 -4.21 1.51
C PHE C 244 23.77 -3.54 0.22
N LEU C 245 23.65 -2.22 0.26
CA LEU C 245 23.20 -1.48 -0.90
C LEU C 245 24.09 -1.76 -2.10
N ASP C 246 25.42 -1.73 -1.89
CA ASP C 246 26.33 -1.92 -3.00
C ASP C 246 26.23 -3.34 -3.55
N GLN C 247 26.28 -4.31 -2.67
CA GLN C 247 26.25 -5.70 -3.07
C GLN C 247 24.96 -6.07 -3.80
N LYS C 248 23.81 -5.73 -3.24
CA LYS C 248 22.55 -6.09 -3.88
C LYS C 248 22.35 -5.37 -5.21
N CYS C 249 22.87 -4.17 -5.35
CA CYS C 249 22.83 -3.50 -6.65
C CYS C 249 23.70 -4.18 -7.70
N GLN C 250 24.88 -4.59 -7.28
CA GLN C 250 25.80 -5.27 -8.16
C GLN C 250 25.20 -6.56 -8.69
N ASN C 251 24.56 -7.31 -7.80
CA ASN C 251 23.79 -8.47 -8.18
C ASN C 251 22.85 -8.15 -9.32
N ILE C 252 22.01 -7.15 -9.12
CA ILE C 252 21.01 -6.79 -10.10
C ILE C 252 21.67 -6.37 -11.41
N LEU C 253 22.73 -5.57 -11.30
CA LEU C 253 23.43 -5.10 -12.50
C LEU C 253 24.07 -6.23 -13.31
N GLN C 254 24.55 -7.25 -12.62
CA GLN C 254 25.16 -8.39 -13.28
C GLN C 254 24.16 -9.46 -13.66
N GLY C 255 22.90 -9.29 -13.29
CA GLY C 255 21.89 -10.32 -13.52
C GLY C 255 22.10 -11.58 -12.70
N ASN C 256 22.81 -11.44 -11.57
CA ASN C 256 23.15 -12.57 -10.73
C ASN C 256 22.28 -12.64 -9.49
N PHE C 257 21.33 -13.57 -9.48
CA PHE C 257 20.41 -13.73 -8.36
C PHE C 257 20.59 -15.04 -7.63
N LYS C 258 21.81 -15.58 -7.69
CA LYS C 258 22.17 -16.76 -6.91
C LYS C 258 21.93 -16.46 -5.43
N PRO C 259 21.27 -17.36 -4.72
CA PRO C 259 20.82 -17.02 -3.37
C PRO C 259 21.95 -16.87 -2.34
N ASP C 260 22.01 -15.69 -1.74
CA ASP C 260 22.79 -15.47 -0.53
C ASP C 260 21.83 -15.49 0.67
N PHE C 261 20.63 -14.99 0.47
CA PHE C 261 19.51 -15.18 1.38
C PHE C 261 18.25 -15.38 0.52
N TYR C 262 17.60 -16.53 0.67
CA TYR C 262 16.45 -16.90 -0.15
C TYR C 262 15.31 -15.86 -0.09
N LEU C 263 14.73 -15.58 -1.25
CA LEU C 263 13.62 -14.64 -1.32
C LEU C 263 12.46 -15.14 -0.47
N LYS C 264 12.19 -16.43 -0.52
CA LYS C 264 11.11 -17.01 0.28
C LYS C 264 11.32 -16.75 1.79
N TYR C 265 12.58 -16.71 2.22
CA TYR C 265 12.88 -16.46 3.63
C TYR C 265 12.50 -15.06 4.03
N ILE C 266 12.81 -14.10 3.16
CA ILE C 266 12.58 -12.72 3.50
C ILE C 266 11.09 -12.43 3.47
N GLN C 267 10.35 -13.04 2.55
CA GLN C 267 8.92 -12.86 2.49
C GLN C 267 8.27 -13.43 3.74
N LYS C 268 8.82 -14.55 4.22
CA LYS C 268 8.35 -15.17 5.46
C LYS C 268 8.54 -14.19 6.61
N ASP C 269 9.74 -13.63 6.69
CA ASP C 269 10.04 -12.70 7.77
C ASP C 269 9.15 -11.45 7.67
N LEU C 270 8.87 -10.98 6.46
CA LEU C 270 8.00 -9.81 6.34
C LEU C 270 6.60 -10.21 6.85
N ARG C 271 6.11 -11.37 6.42
CA ARG C 271 4.80 -11.85 6.81
C ARG C 271 4.66 -11.91 8.32
N LEU C 272 5.69 -12.42 8.97
CA LEU C 272 5.70 -12.58 10.43
C LEU C 272 5.83 -11.24 11.13
N ALA C 273 6.64 -10.34 10.56
CA ALA C 273 6.80 -8.98 11.10
C ALA C 273 5.46 -8.26 11.11
N ILE C 274 4.72 -8.38 10.02
CA ILE C 274 3.40 -7.79 9.92
C ILE C 274 2.48 -8.39 10.98
N ALA C 275 2.60 -9.71 11.20
CA ALA C 275 1.81 -10.37 12.27
C ALA C 275 2.16 -9.89 13.66
N LEU C 276 3.43 -9.57 13.88
CA LEU C 276 3.87 -9.05 15.16
C LEU C 276 3.19 -7.71 15.40
N GLY C 277 3.18 -6.87 14.38
CA GLY C 277 2.53 -5.58 14.48
C GLY C 277 1.04 -5.71 14.71
N ASP C 278 0.44 -6.67 14.02
CA ASP C 278 -0.99 -6.93 14.17
C ASP C 278 -1.29 -7.24 15.62
N ALA C 279 -0.42 -8.02 16.23
CA ALA C 279 -0.59 -8.46 17.60
C ALA C 279 -0.59 -7.31 18.59
N VAL C 280 0.09 -6.20 18.27
CA VAL C 280 0.12 -5.00 19.15
C VAL C 280 -0.58 -3.77 18.53
N ASN C 281 -1.45 -4.00 17.56
CA ASN C 281 -2.19 -2.92 16.85
C ASN C 281 -1.31 -1.82 16.29
N HIS C 282 -0.20 -2.19 15.68
CA HIS C 282 0.73 -1.19 15.16
C HIS C 282 0.84 -1.33 13.65
N PRO C 283 0.26 -0.38 12.90
CA PRO C 283 0.39 -0.45 11.45
C PRO C 283 1.84 -0.49 10.96
N THR C 284 2.06 -1.34 9.96
CA THR C 284 3.33 -1.50 9.30
C THR C 284 3.16 -1.42 7.76
N PRO C 285 2.72 -0.27 7.25
CA PRO C 285 2.39 -0.12 5.83
C PRO C 285 3.55 -0.35 4.89
N MET C 286 4.74 0.05 5.29
CA MET C 286 5.91 -0.13 4.45
C MET C 286 6.14 -1.62 4.28
N ALA C 287 6.12 -2.34 5.39
CA ALA C 287 6.26 -3.82 5.35
C ALA C 287 5.11 -4.46 4.58
N ALA C 288 3.90 -3.94 4.75
CA ALA C 288 2.76 -4.50 4.06
C ALA C 288 2.93 -4.39 2.55
N ALA C 289 3.39 -3.25 2.08
CA ALA C 289 3.63 -3.02 0.64
C ALA C 289 4.80 -3.91 0.18
N ALA C 290 5.89 -3.93 0.93
CA ALA C 290 7.00 -4.79 0.57
C ALA C 290 6.54 -6.25 0.40
N ASN C 291 5.74 -6.70 1.33
CA ASN C 291 5.27 -8.08 1.33
C ASN C 291 4.53 -8.44 0.06
N GLU C 292 3.69 -7.51 -0.43
CA GLU C 292 2.90 -7.79 -1.64
C GLU C 292 3.78 -7.86 -2.86
N VAL C 293 4.84 -7.05 -2.90
CA VAL C 293 5.81 -7.14 -3.98
C VAL C 293 6.54 -8.50 -3.93
N TYR C 294 6.94 -8.93 -2.74
CA TYR C 294 7.64 -10.23 -2.62
C TYR C 294 6.73 -11.41 -2.97
N LYS C 295 5.45 -11.31 -2.65
CA LYS C 295 4.49 -12.31 -3.06
C LYS C 295 4.41 -12.35 -4.58
N ARG C 296 4.47 -11.20 -5.25
CA ARG C 296 4.50 -11.19 -6.72
C ARG C 296 5.70 -11.94 -7.22
N ALA C 297 6.85 -11.66 -6.60
CA ALA C 297 8.09 -12.32 -6.99
C ALA C 297 7.98 -13.83 -6.83
N LYS C 298 7.35 -14.27 -5.75
CA LYS C 298 7.13 -15.70 -5.58
C LYS C 298 6.21 -16.28 -6.65
N ALA C 299 5.16 -15.54 -7.03
CA ALA C 299 4.29 -15.96 -8.11
C ALA C 299 5.04 -16.04 -9.44
N LEU C 300 6.12 -15.28 -9.59
CA LEU C 300 6.99 -15.33 -10.77
C LEU C 300 8.16 -16.29 -10.57
N ASP C 301 8.00 -17.27 -9.68
CA ASP C 301 8.97 -18.35 -9.46
C ASP C 301 10.35 -17.97 -8.91
N GLN C 302 10.42 -16.93 -8.11
CA GLN C 302 11.70 -16.46 -7.58
C GLN C 302 12.03 -16.93 -6.15
N SER C 303 11.19 -17.79 -5.57
CA SER C 303 11.36 -18.20 -4.16
C SER C 303 12.77 -18.66 -3.77
N ASP C 304 13.43 -19.39 -4.65
CA ASP C 304 14.75 -19.96 -4.34
C ASP C 304 15.94 -19.17 -4.89
N ASN C 305 15.68 -17.97 -5.39
CA ASN C 305 16.78 -17.07 -5.74
C ASN C 305 17.04 -16.14 -4.60
N ASP C 306 18.05 -15.29 -4.74
CA ASP C 306 18.34 -14.29 -3.73
C ASP C 306 17.14 -13.35 -3.55
N MET C 307 17.05 -12.78 -2.35
CA MET C 307 16.04 -11.78 -2.04
C MET C 307 16.05 -10.59 -3.02
N SER C 308 17.23 -10.34 -3.61
CA SER C 308 17.37 -9.31 -4.63
C SER C 308 16.57 -9.58 -5.88
N ALA C 309 16.13 -10.82 -6.10
CA ALA C 309 15.28 -11.15 -7.26
C ALA C 309 13.87 -10.55 -7.16
N VAL C 310 13.58 -9.86 -6.06
CA VAL C 310 12.36 -9.09 -6.01
C VAL C 310 12.31 -8.08 -7.17
N TYR C 311 13.50 -7.71 -7.66
CA TYR C 311 13.67 -6.94 -8.90
C TYR C 311 12.79 -7.45 -10.05
N ARG C 312 12.65 -8.76 -10.16
CA ARG C 312 11.78 -9.30 -11.19
C ARG C 312 10.29 -9.04 -10.98
N ALA C 313 9.87 -8.66 -9.78
CA ALA C 313 8.51 -8.22 -9.55
C ALA C 313 8.22 -6.85 -10.19
N TYR C 314 9.26 -6.07 -10.50
CA TYR C 314 9.11 -4.72 -11.09
C TYR C 314 9.26 -4.67 -12.62
N ILE C 315 10.00 -5.63 -13.17
CA ILE C 315 10.24 -5.72 -14.61
C ILE C 315 8.94 -5.68 -15.43
N HIS C 316 8.91 -4.82 -16.45
CA HIS C 316 7.76 -4.70 -17.38
C HIS C 316 7.74 -5.92 -18.32
N ILE D 26 42.11 24.23 -5.90
CA ILE D 26 41.76 24.76 -7.25
C ILE D 26 41.59 26.28 -7.16
N THR D 27 42.05 26.96 -8.22
CA THR D 27 41.97 28.42 -8.29
C THR D 27 40.56 28.85 -8.82
N PRO D 28 39.89 29.82 -8.12
CA PRO D 28 38.50 30.17 -8.44
C PRO D 28 38.34 30.93 -9.75
N THR D 29 37.21 30.70 -10.41
CA THR D 29 36.90 31.31 -11.69
C THR D 29 36.88 32.84 -11.60
N ASP D 30 37.26 33.51 -12.70
CA ASP D 30 37.17 35.00 -12.81
C ASP D 30 35.73 35.47 -12.83
N LYS D 31 34.83 34.60 -13.26
CA LYS D 31 33.47 34.95 -13.55
C LYS D 31 32.78 35.46 -12.31
N LYS D 32 31.93 36.47 -12.53
CA LYS D 32 31.04 36.98 -11.50
C LYS D 32 29.91 35.96 -11.29
N ILE D 33 29.77 35.48 -10.06
CA ILE D 33 28.78 34.47 -9.73
C ILE D 33 27.61 35.09 -8.99
N GLY D 34 26.39 34.72 -9.41
CA GLY D 34 25.15 35.12 -8.73
C GLY D 34 24.53 33.94 -8.03
N PHE D 35 23.82 34.19 -6.93
CA PHE D 35 23.13 33.12 -6.23
C PHE D 35 21.79 33.58 -5.69
N LEU D 36 20.75 32.86 -6.08
CA LEU D 36 19.40 33.18 -5.71
C LEU D 36 18.85 32.08 -4.81
N GLY D 37 18.40 32.46 -3.61
CA GLY D 37 17.75 31.52 -2.70
C GLY D 37 18.73 31.08 -1.64
N LEU D 38 18.65 31.72 -0.47
CA LEU D 38 19.59 31.46 0.58
C LEU D 38 18.91 30.59 1.66
N GLY D 39 18.41 29.44 1.23
CA GLY D 39 17.69 28.53 2.12
C GLY D 39 18.62 27.59 2.84
N LEU D 40 18.06 26.44 3.22
CA LEU D 40 18.78 25.41 3.99
C LEU D 40 20.02 24.97 3.22
N MET D 41 19.86 24.70 1.92
CA MET D 41 20.98 24.30 1.07
C MET D 41 21.77 25.48 0.56
N GLY D 42 21.09 26.50 0.05
CA GLY D 42 21.77 27.59 -0.64
C GLY D 42 22.76 28.34 0.25
N SER D 43 22.36 28.47 1.51
CA SER D 43 23.15 29.16 2.48
C SER D 43 24.56 28.57 2.65
N GLY D 44 24.66 27.25 2.72
CA GLY D 44 25.96 26.61 2.83
C GLY D 44 26.79 26.71 1.57
N ILE D 45 26.11 26.57 0.43
CA ILE D 45 26.78 26.65 -0.85
C ILE D 45 27.46 28.02 -0.98
N VAL D 46 26.71 29.08 -0.69
CA VAL D 46 27.23 30.43 -0.82
C VAL D 46 28.43 30.63 0.12
N SER D 47 28.30 30.16 1.36
CA SER D 47 29.41 30.26 2.29
C SER D 47 30.66 29.60 1.74
N ASN D 48 30.52 28.41 1.16
CA ASN D 48 31.68 27.74 0.60
C ASN D 48 32.20 28.43 -0.67
N LEU D 49 31.31 28.98 -1.48
CA LEU D 49 31.77 29.73 -2.66
C LEU D 49 32.66 30.93 -2.24
N LEU D 50 32.22 31.64 -1.20
CA LEU D 50 32.97 32.77 -0.67
C LEU D 50 34.28 32.32 0.01
N LYS D 51 34.23 31.27 0.83
CA LYS D 51 35.45 30.73 1.42
C LYS D 51 36.52 30.46 0.38
N MET D 52 36.13 29.89 -0.76
CA MET D 52 37.06 29.48 -1.79
C MET D 52 37.37 30.58 -2.79
N GLY D 53 36.95 31.80 -2.47
CA GLY D 53 37.45 32.98 -3.17
C GLY D 53 36.68 33.47 -4.38
N HIS D 54 35.41 33.09 -4.51
CA HIS D 54 34.61 33.55 -5.63
C HIS D 54 34.00 34.94 -5.36
N THR D 55 33.73 35.68 -6.43
CA THR D 55 32.97 36.91 -6.35
C THR D 55 31.49 36.56 -6.48
N VAL D 56 30.70 36.83 -5.45
CA VAL D 56 29.32 36.36 -5.39
C VAL D 56 28.32 37.48 -5.09
N THR D 57 27.24 37.54 -5.88
CA THR D 57 26.14 38.43 -5.58
C THR D 57 24.97 37.57 -5.15
N VAL D 58 24.38 37.88 -3.98
CA VAL D 58 23.31 37.07 -3.42
C VAL D 58 21.99 37.80 -3.49
N TRP D 59 20.91 37.04 -3.53
CA TRP D 59 19.58 37.57 -3.42
C TRP D 59 18.68 36.55 -2.79
N ASN D 60 17.70 37.02 -2.00
CA ASN D 60 16.73 36.17 -1.40
C ASN D 60 15.43 36.90 -1.28
N ARG D 61 14.32 36.21 -1.47
CA ARG D 61 13.03 36.88 -1.37
C ARG D 61 12.90 37.64 -0.04
N THR D 62 13.31 37.04 1.08
CA THR D 62 13.44 37.76 2.34
C THR D 62 14.86 38.35 2.43
N ALA D 63 14.93 39.68 2.47
CA ALA D 63 16.19 40.42 2.41
C ALA D 63 17.12 40.15 3.58
N GLU D 64 16.55 39.91 4.76
CA GLU D 64 17.33 39.74 6.00
C GLU D 64 18.32 38.58 5.92
N LYS D 65 17.96 37.50 5.25
CA LYS D 65 18.82 36.30 5.18
C LYS D 65 20.17 36.59 4.52
N CYS D 66 20.23 37.67 3.74
CA CYS D 66 21.48 38.08 3.07
C CYS D 66 22.54 38.70 3.95
N ASP D 67 22.16 39.19 5.12
CA ASP D 67 23.06 39.97 5.96
C ASP D 67 24.34 39.24 6.33
N LEU D 68 24.26 37.96 6.71
CA LEU D 68 25.46 37.24 7.09
C LEU D 68 26.42 37.23 5.91
N PHE D 69 25.89 37.12 4.71
CA PHE D 69 26.71 36.94 3.53
C PHE D 69 27.41 38.20 3.05
N ILE D 70 26.82 39.36 3.29
CA ILE D 70 27.50 40.62 3.04
C ILE D 70 28.74 40.69 3.94
N GLN D 71 28.58 40.25 5.19
CA GLN D 71 29.68 40.26 6.13
C GLN D 71 30.79 39.28 5.68
N GLU D 72 30.41 38.18 5.02
CA GLU D 72 31.38 37.21 4.52
C GLU D 72 31.90 37.60 3.13
N GLY D 73 31.51 38.76 2.63
CA GLY D 73 32.06 39.32 1.40
C GLY D 73 31.19 39.32 0.15
N ALA D 74 29.92 38.98 0.27
CA ALA D 74 29.04 38.92 -0.88
C ALA D 74 28.50 40.31 -1.19
N ARG D 75 28.18 40.56 -2.46
CA ARG D 75 27.50 41.77 -2.88
C ARG D 75 25.99 41.46 -2.80
N LEU D 76 25.20 42.47 -2.44
CA LEU D 76 23.76 42.33 -2.28
C LEU D 76 23.08 42.69 -3.59
N GLY D 77 22.35 41.76 -4.19
CA GLY D 77 21.59 42.03 -5.39
C GLY D 77 20.17 42.42 -5.03
N ARG D 78 19.58 43.28 -5.84
CA ARG D 78 18.25 43.85 -5.57
C ARG D 78 17.09 43.00 -6.09
N THR D 79 17.30 42.41 -7.26
CA THR D 79 16.33 41.54 -7.86
C THR D 79 17.01 40.41 -8.60
N PRO D 80 16.31 39.29 -8.84
CA PRO D 80 16.89 38.23 -9.63
C PRO D 80 17.28 38.69 -11.03
N ALA D 81 16.45 39.50 -11.65
CA ALA D 81 16.79 40.02 -12.99
C ALA D 81 18.12 40.75 -12.94
N GLU D 82 18.30 41.58 -11.93
CA GLU D 82 19.50 42.39 -11.87
C GLU D 82 20.72 41.56 -11.50
N VAL D 83 20.54 40.52 -10.69
CA VAL D 83 21.67 39.65 -10.38
C VAL D 83 22.11 38.94 -11.66
N VAL D 84 21.17 38.41 -12.41
CA VAL D 84 21.50 37.76 -13.68
C VAL D 84 22.16 38.73 -14.65
N SER D 85 21.63 39.94 -14.71
CA SER D 85 22.17 40.95 -15.61
C SER D 85 23.62 41.29 -15.23
N THR D 86 23.90 41.37 -13.94
CA THR D 86 25.21 41.68 -13.41
C THR D 86 26.22 40.56 -13.53
N CYS D 87 25.77 39.32 -13.47
CA CYS D 87 26.67 38.17 -13.34
C CYS D 87 26.80 37.32 -14.59
N ASP D 88 27.84 36.49 -14.60
CA ASP D 88 28.13 35.63 -15.74
C ASP D 88 27.40 34.29 -15.61
N ILE D 89 27.48 33.71 -14.40
CA ILE D 89 26.80 32.47 -14.06
C ILE D 89 25.97 32.73 -12.82
N THR D 90 24.66 32.44 -12.88
CA THR D 90 23.77 32.59 -11.73
C THR D 90 23.17 31.26 -11.32
N PHE D 91 23.38 30.89 -10.05
CA PHE D 91 22.81 29.67 -9.50
C PHE D 91 21.53 30.01 -8.76
N ALA D 92 20.54 29.13 -8.83
CA ALA D 92 19.31 29.28 -8.05
C ALA D 92 19.04 28.00 -7.29
N CYS D 93 18.61 28.15 -6.04
CA CYS D 93 18.28 27.01 -5.23
C CYS D 93 17.02 27.31 -4.43
N VAL D 94 15.84 26.99 -4.99
CA VAL D 94 14.57 27.18 -4.28
C VAL D 94 13.80 25.86 -4.06
N SER D 95 12.66 25.94 -3.40
CA SER D 95 12.02 24.75 -2.86
C SER D 95 11.31 23.85 -3.88
N ASP D 96 10.36 24.42 -4.62
CA ASP D 96 9.38 23.66 -5.40
C ASP D 96 9.63 23.90 -6.85
N PRO D 97 8.97 23.13 -7.72
CA PRO D 97 8.70 23.56 -9.09
C PRO D 97 7.95 24.91 -9.18
N LYS D 98 6.90 25.10 -8.37
CA LYS D 98 6.18 26.39 -8.33
C LYS D 98 7.14 27.54 -8.06
N ALA D 99 8.02 27.38 -7.09
CA ALA D 99 8.99 28.45 -6.77
C ALA D 99 10.04 28.65 -7.86
N ALA D 100 10.52 27.55 -8.44
CA ALA D 100 11.50 27.64 -9.53
C ALA D 100 10.87 28.37 -10.71
N LYS D 101 9.63 28.01 -11.07
CA LYS D 101 8.96 28.65 -12.19
C LYS D 101 8.70 30.14 -11.89
N ASP D 102 8.25 30.45 -10.70
CA ASP D 102 8.02 31.84 -10.33
C ASP D 102 9.32 32.66 -10.33
N LEU D 103 10.39 32.08 -9.79
CA LEU D 103 11.66 32.79 -9.75
C LEU D 103 12.13 33.18 -11.15
N VAL D 104 11.83 32.34 -12.15
CA VAL D 104 12.25 32.64 -13.52
C VAL D 104 11.26 33.52 -14.27
N LEU D 105 9.97 33.23 -14.14
CA LEU D 105 8.94 33.89 -14.95
C LEU D 105 8.24 35.09 -14.31
N GLY D 106 8.39 35.29 -13.01
CA GLY D 106 7.68 36.35 -12.33
C GLY D 106 8.27 37.72 -12.60
N PRO D 107 7.68 38.76 -12.00
CA PRO D 107 8.18 40.12 -12.23
C PRO D 107 9.58 40.31 -11.64
N SER D 108 10.44 40.99 -12.39
CA SER D 108 11.88 41.08 -12.10
C SER D 108 12.57 39.73 -11.91
N GLY D 109 12.02 38.71 -12.55
CA GLY D 109 12.57 37.37 -12.45
C GLY D 109 13.79 37.14 -13.33
N VAL D 110 14.32 35.92 -13.27
CA VAL D 110 15.52 35.56 -13.99
C VAL D 110 15.40 35.83 -15.50
N LEU D 111 14.25 35.52 -16.07
CA LEU D 111 14.08 35.66 -17.50
C LEU D 111 14.29 37.10 -17.97
N GLN D 112 13.79 38.06 -17.19
CA GLN D 112 13.93 39.46 -17.53
C GLN D 112 15.39 39.93 -17.52
N GLY D 113 16.29 39.15 -16.94
CA GLY D 113 17.71 39.53 -16.94
C GLY D 113 18.56 38.81 -17.97
N ILE D 114 17.99 37.80 -18.62
CA ILE D 114 18.77 36.98 -19.55
C ILE D 114 19.00 37.76 -20.83
N ARG D 115 20.22 37.64 -21.35
CA ARG D 115 20.52 38.08 -22.68
C ARG D 115 21.63 37.20 -23.21
N PRO D 116 21.85 37.24 -24.53
CA PRO D 116 22.77 36.29 -25.15
C PRO D 116 24.06 36.08 -24.38
N GLY D 117 24.30 34.82 -23.95
CA GLY D 117 25.50 34.43 -23.23
C GLY D 117 25.33 34.19 -21.74
N LYS D 118 24.30 34.77 -21.14
CA LYS D 118 24.09 34.63 -19.70
C LYS D 118 23.80 33.19 -19.36
N CYS D 119 24.21 32.78 -18.16
CA CYS D 119 24.12 31.39 -17.76
C CYS D 119 23.38 31.23 -16.47
N TYR D 120 22.47 30.25 -16.46
CA TYR D 120 21.65 29.97 -15.31
C TYR D 120 21.78 28.52 -14.95
N VAL D 121 22.09 28.25 -13.67
CA VAL D 121 22.22 26.88 -13.15
C VAL D 121 21.15 26.64 -12.09
N ASP D 122 20.11 25.86 -12.39
CA ASP D 122 19.04 25.64 -11.44
C ASP D 122 19.36 24.43 -10.59
N MET D 123 19.50 24.65 -9.29
CA MET D 123 19.83 23.59 -8.34
C MET D 123 18.64 23.09 -7.53
N SER D 124 17.46 23.61 -7.82
CA SER D 124 16.25 23.17 -7.15
C SER D 124 15.91 21.75 -7.55
N THR D 125 15.28 20.96 -6.67
CA THR D 125 14.79 19.64 -7.08
C THR D 125 13.38 19.77 -7.61
N VAL D 126 13.24 19.63 -8.92
CA VAL D 126 11.95 19.74 -9.57
C VAL D 126 11.76 18.56 -10.50
N ASP D 127 10.60 18.49 -11.13
CA ASP D 127 10.33 17.45 -12.12
C ASP D 127 10.96 17.78 -13.48
N ALA D 128 11.10 16.77 -14.35
CA ALA D 128 11.75 16.94 -15.66
C ALA D 128 11.02 17.93 -16.55
N ASP D 129 9.69 17.94 -16.48
CA ASP D 129 8.92 18.87 -17.32
C ASP D 129 9.21 20.34 -16.95
N THR D 130 9.32 20.59 -15.66
CA THR D 130 9.63 21.93 -15.19
C THR D 130 11.01 22.36 -15.66
N VAL D 131 11.99 21.48 -15.55
CA VAL D 131 13.34 21.84 -15.94
C VAL D 131 13.42 22.01 -17.48
N THR D 132 12.65 21.22 -18.21
CA THR D 132 12.60 21.33 -19.64
C THR D 132 11.97 22.64 -20.08
N GLU D 133 10.86 23.00 -19.45
CA GLU D 133 10.13 24.23 -19.76
C GLU D 133 10.99 25.48 -19.47
N LEU D 134 11.65 25.47 -18.32
CA LEU D 134 12.53 26.56 -17.92
C LEU D 134 13.77 26.69 -18.81
N ALA D 135 14.38 25.55 -19.16
CA ALA D 135 15.53 25.56 -20.07
C ALA D 135 15.13 26.20 -21.40
N GLN D 136 13.95 25.84 -21.90
CA GLN D 136 13.53 26.27 -23.21
C GLN D 136 13.32 27.80 -23.26
N VAL D 137 12.69 28.40 -22.25
CA VAL D 137 12.47 29.85 -22.25
C VAL D 137 13.79 30.61 -22.09
N ILE D 138 14.69 30.08 -21.28
CA ILE D 138 15.97 30.72 -21.06
C ILE D 138 16.82 30.68 -22.32
N VAL D 139 16.88 29.52 -22.96
CA VAL D 139 17.60 29.37 -24.21
C VAL D 139 16.98 30.26 -25.28
N SER D 140 15.65 30.38 -25.27
CA SER D 140 14.95 31.17 -26.28
C SER D 140 15.33 32.64 -26.24
N ARG D 141 15.88 33.11 -25.11
CA ARG D 141 16.37 34.48 -25.01
C ARG D 141 17.89 34.59 -25.03
N GLY D 142 18.53 33.57 -25.57
CA GLY D 142 19.97 33.56 -25.74
C GLY D 142 20.75 33.06 -24.54
N GLY D 143 20.07 32.63 -23.50
CA GLY D 143 20.79 32.16 -22.32
C GLY D 143 21.30 30.74 -22.48
N ARG D 144 22.15 30.34 -21.54
CA ARG D 144 22.59 28.94 -21.41
C ARG D 144 22.11 28.37 -20.08
N PHE D 145 21.77 27.10 -20.09
CA PHE D 145 21.09 26.48 -18.97
C PHE D 145 21.75 25.17 -18.56
N LEU D 146 21.96 25.00 -17.26
CA LEU D 146 22.39 23.73 -16.67
C LEU D 146 21.54 23.43 -15.44
N GLU D 147 21.07 22.19 -15.31
CA GLU D 147 20.39 21.83 -14.08
C GLU D 147 21.44 21.17 -13.22
N ALA D 148 21.49 21.52 -11.93
CA ALA D 148 22.49 20.91 -11.03
C ALA D 148 21.91 20.72 -9.64
N PRO D 149 20.84 19.91 -9.52
CA PRO D 149 20.34 19.56 -8.21
C PRO D 149 21.41 18.89 -7.35
N VAL D 150 21.25 18.99 -6.04
CA VAL D 150 22.26 18.50 -5.11
C VAL D 150 21.67 17.50 -4.17
N SER D 151 22.43 16.45 -3.88
CA SER D 151 22.09 15.44 -2.91
C SER D 151 22.90 15.69 -1.65
N GLY D 152 22.22 15.77 -0.51
CA GLY D 152 22.88 16.01 0.77
C GLY D 152 21.91 16.57 1.79
N ASN D 153 22.39 17.45 2.64
CA ASN D 153 21.56 18.06 3.65
C ASN D 153 22.27 19.32 4.14
N GLN D 154 21.64 20.00 5.11
CA GLN D 154 22.19 21.26 5.59
C GLN D 154 23.66 21.10 6.01
N GLN D 155 23.95 20.03 6.75
CA GLN D 155 25.29 19.84 7.29
C GLN D 155 26.30 19.64 6.18
N LEU D 156 25.96 18.78 5.22
CA LEU D 156 26.85 18.55 4.10
C LEU D 156 27.01 19.81 3.27
N SER D 157 25.92 20.53 3.05
CA SER D 157 26.03 21.81 2.36
C SER D 157 26.96 22.81 3.06
N ASN D 158 26.87 22.88 4.39
CA ASN D 158 27.78 23.74 5.16
C ASN D 158 29.21 23.30 5.00
N ASP D 159 29.43 21.99 5.06
CA ASP D 159 30.77 21.42 4.93
C ASP D 159 31.29 21.39 3.50
N GLY D 160 30.48 21.76 2.53
CA GLY D 160 30.89 21.74 1.14
C GLY D 160 31.07 20.33 0.59
N MET D 161 30.26 19.40 1.07
CA MET D 161 30.43 18.01 0.73
C MET D 161 29.24 17.42 -0.01
N LEU D 162 28.52 18.26 -0.74
CA LEU D 162 27.34 17.83 -1.49
C LEU D 162 27.73 16.97 -2.67
N VAL D 163 26.82 16.10 -3.12
CA VAL D 163 26.97 15.38 -4.37
C VAL D 163 26.12 16.13 -5.39
N ILE D 164 26.74 16.59 -6.49
CA ILE D 164 26.05 17.42 -7.51
C ILE D 164 25.72 16.58 -8.74
N LEU D 165 24.44 16.62 -9.15
CA LEU D 165 23.97 15.93 -10.34
C LEU D 165 23.60 16.97 -11.37
N ALA D 166 24.37 17.02 -12.46
CA ALA D 166 24.22 18.05 -13.44
C ALA D 166 23.82 17.47 -14.77
N ALA D 167 23.13 18.27 -15.56
CA ALA D 167 22.68 17.89 -16.89
C ALA D 167 22.42 19.17 -17.69
N GLY D 168 22.70 19.11 -18.99
CA GLY D 168 22.41 20.19 -19.92
C GLY D 168 23.66 20.65 -20.64
N ASP D 169 23.92 21.94 -20.59
CA ASP D 169 24.99 22.57 -21.33
C ASP D 169 26.36 22.14 -20.79
N ARG D 170 27.06 21.33 -21.56
CA ARG D 170 28.31 20.73 -21.08
C ARG D 170 29.40 21.77 -20.87
N GLY D 171 29.45 22.79 -21.71
CA GLY D 171 30.43 23.86 -21.57
C GLY D 171 30.26 24.62 -20.26
N LEU D 172 29.01 24.88 -19.90
CA LEU D 172 28.69 25.57 -18.65
C LEU D 172 29.05 24.70 -17.45
N TYR D 173 28.86 23.40 -17.58
CA TYR D 173 29.30 22.45 -16.55
C TYR D 173 30.78 22.63 -16.25
N GLU D 174 31.58 22.64 -17.30
CA GLU D 174 33.01 22.83 -17.15
C GLU D 174 33.37 24.18 -16.57
N ASP D 175 32.62 25.23 -16.92
CA ASP D 175 32.85 26.57 -16.36
C ASP D 175 32.57 26.62 -14.87
N CYS D 176 31.65 25.79 -14.39
CA CYS D 176 31.31 25.74 -12.97
C CYS D 176 32.27 24.92 -12.12
N SER D 177 33.34 24.43 -12.72
CA SER D 177 34.30 23.58 -12.04
C SER D 177 34.68 24.03 -10.61
N SER D 178 35.19 25.25 -10.49
CA SER D 178 35.66 25.76 -9.20
C SER D 178 34.50 25.91 -8.21
N CYS D 179 33.33 26.33 -8.72
CA CYS D 179 32.14 26.44 -7.90
C CYS D 179 31.69 25.09 -7.37
N PHE D 180 31.65 24.08 -8.25
CA PHE D 180 31.23 22.74 -7.84
C PHE D 180 32.21 22.12 -6.86
N GLN D 181 33.49 22.39 -7.06
CA GLN D 181 34.51 21.88 -6.16
C GLN D 181 34.42 22.51 -4.80
N ALA D 182 34.03 23.79 -4.74
CA ALA D 182 33.84 24.50 -3.49
C ALA D 182 32.65 23.94 -2.70
N MET D 183 31.50 23.83 -3.38
CA MET D 183 30.27 23.42 -2.71
C MET D 183 30.13 21.90 -2.57
N GLY D 184 30.93 21.15 -3.33
CA GLY D 184 30.68 19.73 -3.46
C GLY D 184 31.84 18.82 -3.18
N LYS D 185 31.48 17.59 -2.87
CA LYS D 185 32.39 16.47 -2.66
C LYS D 185 32.75 15.91 -4.02
N THR D 186 31.77 15.85 -4.90
CA THR D 186 31.93 15.28 -6.22
C THR D 186 30.78 15.73 -7.11
N SER D 187 30.89 15.45 -8.40
CA SER D 187 29.89 15.92 -9.34
C SER D 187 29.67 14.90 -10.46
N PHE D 188 28.42 14.74 -10.89
CA PHE D 188 28.10 13.87 -12.02
C PHE D 188 27.51 14.69 -13.13
N PHE D 189 27.84 14.36 -14.37
CA PHE D 189 27.22 14.97 -15.50
C PHE D 189 26.43 13.91 -16.21
N LEU D 190 25.12 14.11 -16.34
CA LEU D 190 24.22 13.05 -16.74
C LEU D 190 23.57 13.27 -18.10
N GLY D 191 24.09 14.22 -18.85
CA GLY D 191 23.67 14.39 -20.25
C GLY D 191 22.65 15.48 -20.48
N GLU D 192 21.63 15.15 -21.23
CA GLU D 192 20.66 16.14 -21.68
C GLU D 192 19.80 16.62 -20.54
N VAL D 193 19.34 17.87 -20.64
CA VAL D 193 18.43 18.48 -19.66
C VAL D 193 17.26 17.56 -19.40
N GLY D 194 16.97 17.34 -18.12
CA GLY D 194 15.92 16.43 -17.69
C GLY D 194 16.48 15.27 -16.89
N ASN D 195 17.65 14.78 -17.29
CA ASN D 195 18.22 13.59 -16.70
C ASN D 195 18.64 13.77 -15.25
N ALA D 196 19.16 14.94 -14.88
CA ALA D 196 19.52 15.18 -13.48
C ALA D 196 18.26 15.21 -12.61
N ALA D 197 17.18 15.81 -13.08
CA ALA D 197 15.92 15.80 -12.35
C ALA D 197 15.44 14.41 -12.10
N LYS D 198 15.42 13.60 -13.16
CA LYS D 198 14.93 12.22 -13.03
C LYS D 198 15.77 11.42 -12.01
N MET D 199 17.09 11.54 -12.10
CA MET D 199 17.95 10.79 -11.24
C MET D 199 17.78 11.27 -9.79
N MET D 200 17.75 12.58 -9.58
CA MET D 200 17.62 13.13 -8.22
C MET D 200 16.33 12.64 -7.56
N LEU D 201 15.26 12.58 -8.34
CA LEU D 201 14.00 12.10 -7.78
C LEU D 201 14.11 10.64 -7.36
N ILE D 202 14.88 9.84 -8.10
CA ILE D 202 15.01 8.43 -7.78
C ILE D 202 15.86 8.24 -6.53
N VAL D 203 16.98 8.97 -6.45
CA VAL D 203 17.83 8.98 -5.28
C VAL D 203 17.00 9.34 -4.04
N ASN D 204 16.21 10.40 -4.14
CA ASN D 204 15.42 10.85 -3.00
C ASN D 204 14.28 9.95 -2.65
N MET D 205 13.74 9.26 -3.65
CA MET D 205 12.66 8.29 -3.42
C MET D 205 13.19 7.17 -2.57
N VAL D 206 14.40 6.72 -2.88
CA VAL D 206 15.05 5.66 -2.13
C VAL D 206 15.28 6.09 -0.70
N GLN D 207 15.80 7.30 -0.53
CA GLN D 207 16.11 7.84 0.79
C GLN D 207 14.84 8.01 1.60
N GLY D 208 13.83 8.59 0.99
CA GLY D 208 12.58 8.84 1.67
C GLY D 208 11.88 7.59 2.10
N SER D 209 11.86 6.60 1.21
CA SER D 209 11.20 5.31 1.55
C SER D 209 11.93 4.56 2.66
N PHE D 210 13.25 4.62 2.62
CA PHE D 210 14.06 4.00 3.65
C PHE D 210 13.81 4.65 5.01
N MET D 211 13.71 5.98 5.03
CA MET D 211 13.43 6.65 6.30
C MET D 211 12.08 6.20 6.87
N ALA D 212 11.08 6.02 6.00
CA ALA D 212 9.76 5.55 6.47
C ALA D 212 9.91 4.17 7.07
N THR D 213 10.67 3.31 6.41
CA THR D 213 10.93 1.97 6.94
C THR D 213 11.65 1.99 8.28
N ILE D 214 12.67 2.83 8.42
CA ILE D 214 13.42 2.93 9.68
C ILE D 214 12.52 3.37 10.83
N ALA D 215 11.65 4.35 10.56
CA ALA D 215 10.69 4.82 11.55
C ALA D 215 9.73 3.71 11.92
N GLU D 216 9.31 2.94 10.93
CA GLU D 216 8.37 1.84 11.14
C GLU D 216 9.05 0.80 12.02
N GLY D 217 10.34 0.56 11.76
CA GLY D 217 11.11 -0.40 12.55
C GLY D 217 11.33 0.02 14.00
N LEU D 218 11.70 1.28 14.21
CA LEU D 218 11.98 1.75 15.55
C LEU D 218 10.71 1.81 16.39
N THR D 219 9.60 2.23 15.79
CA THR D 219 8.34 2.28 16.51
C THR D 219 7.82 0.88 16.83
N LEU D 220 7.96 -0.05 15.88
CA LEU D 220 7.53 -1.41 16.14
C LEU D 220 8.36 -2.01 17.28
N ALA D 221 9.65 -1.66 17.36
CA ALA D 221 10.47 -2.10 18.48
C ALA D 221 9.94 -1.52 19.81
N GLN D 222 9.68 -0.22 19.84
CA GLN D 222 9.17 0.47 21.03
C GLN D 222 7.93 -0.23 21.55
N VAL D 223 6.96 -0.41 20.67
CA VAL D 223 5.64 -0.92 20.99
C VAL D 223 5.63 -2.39 21.37
N THR D 224 6.65 -3.13 20.96
CA THR D 224 6.71 -4.54 21.29
C THR D 224 7.66 -4.83 22.46
N GLY D 225 8.02 -3.80 23.22
CA GLY D 225 8.86 -3.97 24.40
C GLY D 225 10.34 -4.18 24.14
N GLN D 226 10.80 -3.94 22.91
CA GLN D 226 12.23 -4.03 22.58
C GLN D 226 12.91 -2.66 22.71
N SER D 227 14.23 -2.69 22.79
CA SER D 227 15.00 -1.48 22.90
C SER D 227 15.35 -0.92 21.52
N GLN D 228 14.96 0.32 21.27
CA GLN D 228 15.30 0.98 20.03
C GLN D 228 16.82 1.09 19.90
N GLN D 229 17.50 1.42 21.01
CA GLN D 229 18.95 1.57 21.02
C GLN D 229 19.61 0.25 20.58
N THR D 230 19.12 -0.86 21.12
CA THR D 230 19.69 -2.17 20.78
C THR D 230 19.42 -2.51 19.33
N LEU D 231 18.25 -2.13 18.82
CA LEU D 231 17.97 -2.31 17.40
C LEU D 231 19.03 -1.58 16.57
N LEU D 232 19.33 -0.34 16.91
CA LEU D 232 20.36 0.38 16.16
C LEU D 232 21.74 -0.29 16.29
N ASP D 233 22.07 -0.74 17.49
CA ASP D 233 23.34 -1.42 17.70
C ASP D 233 23.45 -2.64 16.77
N ILE D 234 22.39 -3.44 16.68
CA ILE D 234 22.40 -4.62 15.84
C ILE D 234 22.51 -4.21 14.39
N LEU D 235 21.71 -3.25 13.96
CA LEU D 235 21.78 -2.79 12.57
C LEU D 235 23.17 -2.28 12.24
N ASN D 236 23.82 -1.59 13.18
CA ASN D 236 25.22 -1.10 12.95
C ASN D 236 26.27 -2.21 12.86
N GLN D 237 25.98 -3.40 13.38
CA GLN D 237 26.84 -4.56 13.15
C GLN D 237 26.52 -5.29 11.84
N GLY D 238 25.39 -5.00 11.22
CA GLY D 238 24.99 -5.69 10.00
C GLY D 238 25.48 -5.03 8.72
N GLN D 239 25.09 -5.63 7.59
CA GLN D 239 25.51 -5.15 6.28
C GLN D 239 24.82 -3.84 5.87
N LEU D 240 23.73 -3.48 6.56
CA LEU D 240 22.93 -2.30 6.22
C LEU D 240 23.45 -1.03 6.92
N ALA D 241 24.50 -1.17 7.70
CA ALA D 241 25.11 -0.06 8.42
C ALA D 241 25.48 1.05 7.45
N SER D 242 25.00 2.26 7.72
CA SER D 242 25.34 3.44 6.93
C SER D 242 25.32 4.71 7.80
N ILE D 243 25.99 5.76 7.34
CA ILE D 243 25.95 7.02 8.07
C ILE D 243 24.50 7.48 8.24
N PHE D 244 23.72 7.32 7.17
CA PHE D 244 22.31 7.75 7.15
C PHE D 244 21.48 7.05 8.21
N LEU D 245 21.57 5.72 8.22
CA LEU D 245 20.85 4.91 9.19
C LEU D 245 21.19 5.32 10.62
N ASP D 246 22.49 5.47 10.90
CA ASP D 246 22.94 5.76 12.25
C ASP D 246 22.49 7.14 12.69
N GLN D 247 22.71 8.12 11.82
CA GLN D 247 22.36 9.49 12.13
C GLN D 247 20.86 9.66 12.36
N LYS D 248 20.05 9.18 11.41
CA LYS D 248 18.61 9.32 11.54
C LYS D 248 18.04 8.58 12.77
N CYS D 249 18.63 7.46 13.16
CA CYS D 249 18.21 6.78 14.37
C CYS D 249 18.58 7.51 15.64
N GLN D 250 19.76 8.12 15.64
CA GLN D 250 20.20 8.91 16.78
C GLN D 250 19.30 10.10 16.97
N ASN D 251 18.92 10.75 15.89
CA ASN D 251 17.93 11.83 15.96
C ASN D 251 16.69 11.36 16.69
N ILE D 252 16.11 10.26 16.23
CA ILE D 252 14.89 9.78 16.79
C ILE D 252 15.09 9.45 18.26
N LEU D 253 16.18 8.76 18.58
CA LEU D 253 16.44 8.35 19.97
C LEU D 253 16.65 9.55 20.90
N GLN D 254 17.21 10.64 20.40
CA GLN D 254 17.39 11.85 21.20
C GLN D 254 16.18 12.77 21.16
N GLY D 255 15.15 12.43 20.38
CA GLY D 255 14.00 13.31 20.18
C GLY D 255 14.34 14.61 19.42
N ASN D 256 15.42 14.58 18.66
CA ASN D 256 15.91 15.76 17.96
C ASN D 256 15.51 15.75 16.46
N PHE D 257 14.50 16.55 16.12
CA PHE D 257 13.99 16.59 14.76
C PHE D 257 14.23 17.95 14.10
N LYS D 258 15.27 18.65 14.55
CA LYS D 258 15.72 19.89 13.94
C LYS D 258 16.07 19.52 12.48
N PRO D 259 15.64 20.34 11.52
CA PRO D 259 15.76 19.99 10.11
C PRO D 259 17.18 20.01 9.52
N ASP D 260 17.59 18.86 9.02
CA ASP D 260 18.77 18.72 8.19
C ASP D 260 18.31 18.67 6.73
N PHE D 261 17.18 17.97 6.52
CA PHE D 261 16.42 18.02 5.26
C PHE D 261 14.94 18.07 5.60
N TYR D 262 14.26 19.13 5.20
CA TYR D 262 12.86 19.32 5.57
C TYR D 262 11.98 18.15 5.13
N LEU D 263 11.07 17.77 6.00
CA LEU D 263 10.14 16.69 5.72
C LEU D 263 9.28 17.02 4.51
N LYS D 264 8.82 18.27 4.42
CA LYS D 264 8.05 18.69 3.28
C LYS D 264 8.80 18.51 1.97
N TYR D 265 10.12 18.64 1.98
CA TYR D 265 10.88 18.44 0.74
C TYR D 265 10.94 16.98 0.33
N ILE D 266 11.07 16.09 1.30
CA ILE D 266 11.13 14.68 0.95
C ILE D 266 9.78 14.21 0.43
N GLN D 267 8.68 14.73 0.99
CA GLN D 267 7.34 14.35 0.55
C GLN D 267 7.07 14.90 -0.85
N LYS D 268 7.58 16.09 -1.12
CA LYS D 268 7.54 16.62 -2.48
C LYS D 268 8.27 15.70 -3.44
N ASP D 269 9.48 15.29 -3.06
CA ASP D 269 10.29 14.43 -3.93
C ASP D 269 9.63 13.08 -4.16
N LEU D 270 9.00 12.53 -3.12
CA LEU D 270 8.28 11.27 -3.27
C LEU D 270 7.10 11.46 -4.22
N ARG D 271 6.35 12.55 -4.03
CA ARG D 271 5.20 12.81 -4.89
C ARG D 271 5.63 12.89 -6.36
N LEU D 272 6.74 13.57 -6.62
CA LEU D 272 7.21 13.75 -7.99
C LEU D 272 7.78 12.43 -8.55
N ALA D 273 8.46 11.65 -7.70
CA ALA D 273 8.99 10.34 -8.13
C ALA D 273 7.87 9.42 -8.55
N ILE D 274 6.76 9.44 -7.80
CA ILE D 274 5.59 8.66 -8.19
C ILE D 274 5.05 9.16 -9.52
N ALA D 275 5.01 10.49 -9.70
CA ALA D 275 4.57 11.07 -10.97
C ALA D 275 5.47 10.68 -12.16
N LEU D 276 6.75 10.51 -11.89
CA LEU D 276 7.69 10.08 -12.90
C LEU D 276 7.32 8.66 -13.34
N GLY D 277 7.05 7.81 -12.37
CA GLY D 277 6.68 6.44 -12.66
C GLY D 277 5.38 6.35 -13.42
N ASP D 278 4.43 7.19 -13.02
CA ASP D 278 3.14 7.28 -13.67
C ASP D 278 3.36 7.56 -15.14
N ALA D 279 4.26 8.49 -15.44
CA ALA D 279 4.50 8.92 -16.82
C ALA D 279 5.02 7.80 -17.71
N VAL D 280 5.72 6.81 -17.15
CA VAL D 280 6.19 5.66 -17.92
C VAL D 280 5.51 4.33 -17.50
N ASN D 281 4.30 4.43 -16.93
CA ASN D 281 3.52 3.25 -16.50
C ASN D 281 4.26 2.24 -15.64
N HIS D 282 5.02 2.75 -14.67
CA HIS D 282 5.82 1.89 -13.81
C HIS D 282 5.36 2.02 -12.38
N PRO D 283 4.70 0.99 -11.85
CA PRO D 283 4.28 1.08 -10.45
C PRO D 283 5.45 1.28 -9.48
N THR D 284 5.22 2.14 -8.49
CA THR D 284 6.15 2.44 -7.41
C THR D 284 5.43 2.31 -6.05
N PRO D 285 4.99 1.10 -5.71
CA PRO D 285 4.19 0.88 -4.51
C PRO D 285 4.91 1.18 -3.19
N MET D 286 6.20 0.95 -3.14
CA MET D 286 6.98 1.31 -1.94
C MET D 286 6.94 2.82 -1.75
N ALA D 287 7.23 3.58 -2.80
CA ALA D 287 7.15 5.04 -2.75
C ALA D 287 5.74 5.48 -2.37
N ALA D 288 4.74 4.86 -2.99
CA ALA D 288 3.35 5.23 -2.80
C ALA D 288 2.99 5.14 -1.32
N ALA D 289 3.35 4.02 -0.70
CA ALA D 289 3.11 3.82 0.73
C ALA D 289 3.88 4.85 1.57
N ALA D 290 5.16 5.05 1.28
CA ALA D 290 5.96 6.04 1.99
C ALA D 290 5.33 7.43 1.88
N ASN D 291 4.84 7.75 0.70
CA ASN D 291 4.21 9.05 0.48
C ASN D 291 3.01 9.30 1.39
N GLU D 292 2.17 8.29 1.59
CA GLU D 292 0.99 8.42 2.45
C GLU D 292 1.39 8.60 3.91
N VAL D 293 2.47 7.96 4.33
CA VAL D 293 2.98 8.14 5.70
C VAL D 293 3.48 9.57 5.88
N TYR D 294 4.18 10.09 4.88
CA TYR D 294 4.69 11.45 4.96
C TYR D 294 3.56 12.48 4.95
N LYS D 295 2.50 12.20 4.17
CA LYS D 295 1.31 13.05 4.16
C LYS D 295 0.71 13.12 5.57
N ARG D 296 0.71 11.97 6.26
CA ARG D 296 0.22 11.93 7.63
C ARG D 296 1.08 12.81 8.53
N ALA D 297 2.38 12.67 8.39
CA ALA D 297 3.31 13.51 9.14
C ALA D 297 3.03 15.00 8.90
N LYS D 298 2.77 15.40 7.66
CA LYS D 298 2.47 16.79 7.38
C LYS D 298 1.18 17.21 8.07
N ALA D 299 0.17 16.34 8.08
CA ALA D 299 -1.09 16.61 8.78
C ALA D 299 -0.86 16.73 10.28
N LEU D 300 0.21 16.12 10.80
CA LEU D 300 0.59 16.29 12.21
C LEU D 300 1.61 17.41 12.42
N ASP D 301 1.64 18.38 11.48
CA ASP D 301 2.46 19.60 11.56
C ASP D 301 3.97 19.38 11.59
N GLN D 302 4.46 18.37 10.88
CA GLN D 302 5.89 18.07 10.84
C GLN D 302 6.64 18.60 9.59
N SER D 303 5.96 19.39 8.74
CA SER D 303 6.54 19.81 7.46
C SER D 303 7.92 20.50 7.56
N ASP D 304 8.12 21.31 8.61
CA ASP D 304 9.36 22.07 8.80
C ASP D 304 10.39 21.41 9.73
N ASN D 305 10.15 20.15 10.11
CA ASN D 305 11.13 19.40 10.85
C ASN D 305 11.91 18.51 9.92
N ASP D 306 12.87 17.78 10.46
CA ASP D 306 13.65 16.88 9.66
C ASP D 306 12.76 15.79 9.08
N MET D 307 13.19 15.24 7.95
CA MET D 307 12.48 14.14 7.31
C MET D 307 12.29 12.98 8.29
N SER D 308 13.18 12.87 9.28
CA SER D 308 13.09 11.82 10.30
C SER D 308 11.87 11.99 11.19
N ALA D 309 11.26 13.16 11.18
CA ALA D 309 10.04 13.38 11.94
C ALA D 309 8.85 12.56 11.43
N VAL D 310 9.03 11.83 10.33
CA VAL D 310 7.97 10.91 9.88
C VAL D 310 7.70 9.88 10.99
N TYR D 311 8.69 9.71 11.86
CA TYR D 311 8.54 8.92 13.09
C TYR D 311 7.24 9.25 13.81
N ARG D 312 6.87 10.52 13.84
CA ARG D 312 5.62 10.94 14.51
C ARG D 312 4.34 10.45 13.81
N ALA D 313 4.40 10.09 12.54
CA ALA D 313 3.25 9.48 11.85
C ALA D 313 2.96 8.08 12.38
N TYR D 314 3.94 7.45 13.03
CA TYR D 314 3.79 6.08 13.60
C TYR D 314 3.39 6.02 15.08
N ILE D 315 3.74 7.06 15.82
CA ILE D 315 3.45 7.15 17.24
C ILE D 315 1.94 6.96 17.53
N HIS D 316 1.66 6.10 18.51
CA HIS D 316 0.29 5.82 18.98
C HIS D 316 -0.25 6.97 19.83
#